data_6LHG
#
_entry.id   6LHG
#
_cell.length_a   90.576
_cell.length_b   90.817
_cell.length_c   94.874
_cell.angle_alpha   90.000
_cell.angle_beta   98.614
_cell.angle_gamma   90.000
#
_symmetry.space_group_name_H-M   'P 1 21 1'
#
loop_
_entity.id
_entity.type
_entity.pdbx_description
1 polymer 'MHC class I alpha chain 2'
2 polymer Beta-2-microglobulin
3 polymer 'IE8 peptide'
4 polymer 'CD8 alpha chain'
5 water water
#
loop_
_entity_poly.entity_id
_entity_poly.type
_entity_poly.pdbx_seq_one_letter_code
_entity_poly.pdbx_strand_id
1 'polypeptide(L)'
;ELHTLRYIRTAMTDPGPGQPWFVTVGYVDGELFVHYNSTARRYVPRTEWIAANTDQQYWDGQTQIGQLNEQINRENLGIR
QRRYNQTGGSHTVQWMFGCDILEDGTIRGYRQSAYDGRDFIALDKDMKTFTAAVPEAVPTKRKWEEESEPERWKNYLEET
CVEWLRRYVEYGKAELGRRERPEVRVWGKEADGILTLSCRAHGFYPRPIVVSWLKDGAVRGQDAHSGGIVPNGDGTYHTW
VTIEAQPGDGDKYQCRVEHASLPQPGLYSWKL
;
A,D
2 'polypeptide(L)'
;DLTPKVQVYSRFPASAGTKNVLNCFAAGFHPPKISITLMKDGVPMEGAQYSDMSFNDDWTFQRLVHADFTPSSGSTYACK
VEHETLKEPQVYKWDPE
;
B,E
3 'polypeptide(L)' IDWFDGKE C,F
4 'polypeptide(L)'
;QGQRNTMEARFLNRNMKHPQEGQPLELECMPFNIDNGVSWIRQDKDGKLHFIVYISPLSRTAFPRNERTSSQFEGSKQGS
SFRLVVKNFRAQDQGTYFCIANINQMLYFSSGQPAFF
;
G,H,I,J
#
# COMPACT_ATOMS: atom_id res chain seq x y z
N GLU A 1 20.16 13.94 14.09
CA GLU A 1 19.76 12.96 15.10
C GLU A 1 18.92 13.62 16.18
N LEU A 2 17.86 14.31 15.76
CA LEU A 2 16.92 14.90 16.70
C LEU A 2 15.94 13.84 17.16
N HIS A 3 15.85 13.64 18.48
CA HIS A 3 14.95 12.65 19.05
C HIS A 3 14.10 13.30 20.13
N THR A 4 12.85 12.89 20.21
CA THR A 4 11.91 13.47 21.17
C THR A 4 11.10 12.38 21.85
N LEU A 5 10.86 12.57 23.14
CA LEU A 5 9.93 11.75 23.90
C LEU A 5 8.90 12.70 24.49
N ARG A 6 7.63 12.48 24.18
CA ARG A 6 6.56 13.38 24.61
C ARG A 6 5.41 12.55 25.17
N TYR A 7 4.81 13.05 26.24
CA TYR A 7 3.59 12.47 26.80
C TYR A 7 2.57 13.59 26.95
N ILE A 8 1.34 13.33 26.50
CA ILE A 8 0.26 14.28 26.67
C ILE A 8 -0.93 13.58 27.32
N ARG A 9 -1.58 14.30 28.24
CA ARG A 9 -2.79 13.86 28.92
C ARG A 9 -3.93 14.83 28.66
N THR A 10 -5.13 14.27 28.59
CA THR A 10 -6.36 15.04 28.48
C THR A 10 -7.37 14.47 29.47
N ALA A 11 -7.88 15.32 30.35
CA ALA A 11 -8.92 14.95 31.32
C ALA A 11 -10.12 15.84 31.08
N MET A 12 -11.25 15.25 30.71
CA MET A 12 -12.42 16.00 30.30
C MET A 12 -13.61 15.68 31.21
N THR A 13 -14.51 16.66 31.32
CA THR A 13 -15.81 16.42 31.96
C THR A 13 -16.89 16.07 30.96
N ASP A 14 -16.76 16.53 29.71
CA ASP A 14 -17.71 16.25 28.63
C ASP A 14 -16.92 15.63 27.48
N PRO A 15 -16.57 14.35 27.58
CA PRO A 15 -15.76 13.71 26.53
C PRO A 15 -16.56 13.41 25.28
N GLY A 16 -17.86 13.16 25.44
CA GLY A 16 -18.69 12.69 24.37
C GLY A 16 -19.26 11.32 24.68
N PRO A 17 -20.34 10.95 23.99
CA PRO A 17 -20.97 9.64 24.26
C PRO A 17 -20.02 8.49 23.94
N GLY A 18 -19.81 7.63 24.94
CA GLY A 18 -18.95 6.48 24.75
C GLY A 18 -17.49 6.79 24.52
N GLN A 19 -16.98 7.85 25.14
CA GLN A 19 -15.59 8.25 25.02
C GLN A 19 -14.93 8.35 26.38
N PRO A 20 -13.68 7.91 26.49
CA PRO A 20 -12.99 7.99 27.79
C PRO A 20 -12.70 9.42 28.18
N TRP A 21 -12.98 9.75 29.45
CA TRP A 21 -12.75 11.12 29.93
C TRP A 21 -11.28 11.42 30.20
N PHE A 22 -10.47 10.38 30.47
CA PHE A 22 -9.04 10.55 30.72
C PHE A 22 -8.28 9.73 29.70
N VAL A 23 -7.39 10.40 28.96
CA VAL A 23 -6.61 9.76 27.90
C VAL A 23 -5.17 10.24 28.00
N THR A 24 -4.21 9.32 27.92
CA THR A 24 -2.80 9.67 27.88
C THR A 24 -2.16 8.95 26.70
N VAL A 25 -1.36 9.68 25.92
CA VAL A 25 -0.66 9.09 24.79
C VAL A 25 0.78 9.57 24.76
N GLY A 26 1.67 8.68 24.32
CA GLY A 26 3.08 8.96 24.24
C GLY A 26 3.61 8.82 22.83
N TYR A 27 4.60 9.67 22.51
CA TYR A 27 5.19 9.75 21.18
C TYR A 27 6.70 9.71 21.29
N VAL A 28 7.32 8.87 20.48
CA VAL A 28 8.76 8.87 20.26
C VAL A 28 9.02 9.36 18.85
N ASP A 29 9.75 10.47 18.73
CA ASP A 29 10.07 11.06 17.42
C ASP A 29 8.81 11.33 16.61
N GLY A 30 7.75 11.75 17.29
CA GLY A 30 6.48 12.04 16.65
C GLY A 30 5.59 10.84 16.43
N GLU A 31 6.10 9.62 16.59
CA GLU A 31 5.31 8.41 16.38
C GLU A 31 4.65 7.96 17.67
N LEU A 32 3.34 7.78 17.63
CA LEU A 32 2.60 7.27 18.77
C LEU A 32 3.03 5.85 19.08
N PHE A 33 3.39 5.58 20.34
CA PHE A 33 3.86 4.25 20.70
C PHE A 33 3.23 3.66 21.97
N VAL A 34 2.64 4.47 22.85
CA VAL A 34 1.93 3.97 24.01
C VAL A 34 0.65 4.76 24.18
N HIS A 35 -0.32 4.16 24.88
CA HIS A 35 -1.64 4.75 25.00
C HIS A 35 -2.34 4.19 26.22
N TYR A 36 -3.01 5.08 26.97
CA TYR A 36 -3.82 4.72 28.12
C TYR A 36 -5.07 5.58 28.14
N ASN A 37 -6.21 4.98 28.46
CA ASN A 37 -7.43 5.74 28.70
C ASN A 37 -8.18 5.14 29.87
N SER A 38 -9.21 5.87 30.33
CA SER A 38 -9.94 5.49 31.54
C SER A 38 -10.93 4.36 31.30
N THR A 39 -11.15 3.94 30.06
CA THR A 39 -12.07 2.85 29.76
C THR A 39 -11.36 1.50 29.79
N ALA A 40 -10.26 1.35 29.06
CA ALA A 40 -9.50 0.11 29.11
C ALA A 40 -8.73 -0.02 30.42
N ARG A 41 -8.34 1.11 31.02
CA ARG A 41 -7.62 1.13 32.30
C ARG A 41 -6.33 0.31 32.22
N ARG A 42 -5.62 0.39 31.10
CA ARG A 42 -4.40 -0.35 30.92
C ARG A 42 -3.54 0.32 29.86
N TYR A 43 -2.24 0.45 30.15
CA TYR A 43 -1.30 0.94 29.15
C TYR A 43 -1.06 -0.14 28.10
N VAL A 44 -1.11 0.25 26.83
CA VAL A 44 -1.09 -0.70 25.72
C VAL A 44 -0.06 -0.25 24.69
N PRO A 45 0.73 -1.15 24.11
CA PRO A 45 1.64 -0.76 23.03
C PRO A 45 0.88 -0.39 21.77
N ARG A 46 1.44 0.55 21.02
CA ARG A 46 0.87 0.98 19.75
C ARG A 46 1.83 0.79 18.58
N THR A 47 3.02 0.26 18.83
CA THR A 47 3.94 -0.16 17.78
C THR A 47 4.47 -1.55 18.12
N GLU A 48 4.88 -2.28 17.09
CA GLU A 48 5.40 -3.63 17.32
C GLU A 48 6.72 -3.61 18.07
N TRP A 49 7.57 -2.59 17.84
CA TRP A 49 8.90 -2.61 18.45
C TRP A 49 8.84 -2.37 19.95
N ILE A 50 7.91 -1.53 20.42
CA ILE A 50 7.84 -1.28 21.85
C ILE A 50 7.29 -2.51 22.58
N ALA A 51 6.39 -3.25 21.93
CA ALA A 51 5.93 -4.50 22.53
C ALA A 51 7.02 -5.56 22.47
N ALA A 52 7.84 -5.55 21.41
CA ALA A 52 8.88 -6.54 21.23
C ALA A 52 10.12 -6.26 22.06
N ASN A 53 10.20 -5.11 22.74
CA ASN A 53 11.36 -4.80 23.57
C ASN A 53 10.99 -4.52 25.02
N THR A 54 9.80 -4.94 25.46
CA THR A 54 9.38 -4.74 26.84
C THR A 54 8.77 -6.03 27.40
N ASP A 55 8.94 -6.21 28.70
CA ASP A 55 8.36 -7.34 29.41
C ASP A 55 7.07 -6.91 30.11
N GLN A 56 6.40 -7.90 30.72
CA GLN A 56 5.11 -7.63 31.36
C GLN A 56 5.26 -6.69 32.56
N GLN A 57 6.43 -6.70 33.21
CA GLN A 57 6.68 -5.79 34.32
C GLN A 57 6.56 -4.34 33.88
N TYR A 58 7.07 -4.03 32.69
CA TYR A 58 6.98 -2.68 32.15
C TYR A 58 5.53 -2.23 32.04
N TRP A 59 4.70 -3.04 31.38
CA TRP A 59 3.31 -2.66 31.16
C TRP A 59 2.52 -2.64 32.46
N ASP A 60 2.85 -3.51 33.41
CA ASP A 60 2.18 -3.49 34.70
C ASP A 60 2.47 -2.20 35.46
N GLY A 61 3.75 -1.82 35.54
CA GLY A 61 4.10 -0.56 36.18
C GLY A 61 3.48 0.64 35.49
N GLN A 62 3.50 0.65 34.15
CA GLN A 62 2.89 1.74 33.41
C GLN A 62 1.39 1.82 33.68
N THR A 63 0.70 0.67 33.73
CA THR A 63 -0.73 0.67 34.02
C THR A 63 -1.02 1.21 35.42
N GLN A 64 -0.19 0.84 36.40
CA GLN A 64 -0.31 1.41 37.73
C GLN A 64 -0.17 2.94 37.68
N ILE A 65 0.86 3.42 36.99
CA ILE A 65 1.06 4.87 36.84
C ILE A 65 -0.17 5.51 36.21
N GLY A 66 -0.72 4.86 35.18
CA GLY A 66 -1.85 5.44 34.47
C GLY A 66 -3.10 5.53 35.32
N GLN A 67 -3.37 4.49 36.12
CA GLN A 67 -4.55 4.53 36.99
C GLN A 67 -4.37 5.57 38.09
N LEU A 68 -3.17 5.65 38.67
CA LEU A 68 -2.91 6.69 39.66
C LEU A 68 -3.09 8.08 39.06
N ASN A 69 -2.64 8.26 37.81
CA ASN A 69 -2.83 9.54 37.13
C ASN A 69 -4.30 9.80 36.85
N GLU A 70 -5.07 8.75 36.56
CA GLU A 70 -6.51 8.92 36.39
C GLU A 70 -7.15 9.49 37.65
N GLN A 71 -6.81 8.93 38.80
CA GLN A 71 -7.38 9.42 40.06
C GLN A 71 -6.93 10.86 40.34
N ILE A 72 -5.63 11.11 40.19
CA ILE A 72 -5.08 12.44 40.47
C ILE A 72 -5.70 13.47 39.53
N ASN A 73 -5.89 13.12 38.26
CA ASN A 73 -6.45 14.06 37.30
C ASN A 73 -7.93 14.31 37.54
N ARG A 74 -8.68 13.29 37.98
CA ARG A 74 -10.05 13.54 38.42
C ARG A 74 -10.08 14.62 39.48
N GLU A 75 -9.27 14.45 40.53
CA GLU A 75 -9.26 15.43 41.61
C GLU A 75 -8.78 16.79 41.14
N ASN A 76 -7.76 16.83 40.28
CA ASN A 76 -7.23 18.10 39.81
C ASN A 76 -8.24 18.84 38.94
N LEU A 77 -8.97 18.11 38.11
CA LEU A 77 -10.06 18.71 37.34
C LEU A 77 -11.08 19.35 38.27
N GLY A 78 -11.49 18.61 39.31
CA GLY A 78 -12.43 19.19 40.27
C GLY A 78 -11.90 20.43 40.96
N ILE A 79 -10.63 20.40 41.38
CA ILE A 79 -10.04 21.54 42.08
C ILE A 79 -9.99 22.76 41.15
N ARG A 80 -9.54 22.55 39.91
CA ARG A 80 -9.47 23.67 38.97
C ARG A 80 -10.85 24.23 38.68
N GLN A 81 -11.87 23.37 38.61
CA GLN A 81 -13.23 23.87 38.43
C GLN A 81 -13.68 24.70 39.63
N ARG A 82 -13.31 24.30 40.84
CA ARG A 82 -13.81 25.04 42.00
C ARG A 82 -13.06 26.34 42.24
N ARG A 83 -11.78 26.41 41.86
CA ARG A 83 -11.08 27.69 42.00
C ARG A 83 -11.65 28.75 41.06
N TYR A 84 -12.43 28.34 40.07
CA TYR A 84 -13.13 29.25 39.17
C TYR A 84 -14.61 29.37 39.50
N ASN A 85 -15.04 28.82 40.64
CA ASN A 85 -16.45 28.81 41.04
C ASN A 85 -17.33 28.21 39.93
N GLN A 86 -16.96 27.01 39.50
CA GLN A 86 -17.62 26.33 38.40
C GLN A 86 -18.23 25.03 38.90
N THR A 87 -19.49 24.79 38.55
CA THR A 87 -20.25 23.65 39.05
C THR A 87 -20.40 22.55 38.01
N GLY A 88 -20.31 22.88 36.73
CA GLY A 88 -20.53 21.88 35.69
C GLY A 88 -20.28 22.50 34.34
N GLY A 89 -20.40 21.66 33.32
CA GLY A 89 -20.18 22.06 31.95
C GLY A 89 -18.95 21.38 31.37
N SER A 90 -18.54 21.87 30.20
CA SER A 90 -17.38 21.33 29.50
C SER A 90 -16.12 22.00 30.03
N HIS A 91 -15.33 21.26 30.80
CA HIS A 91 -14.05 21.73 31.31
C HIS A 91 -12.99 20.67 31.07
N THR A 92 -11.78 21.11 30.74
CA THR A 92 -10.72 20.21 30.33
C THR A 92 -9.40 20.60 30.99
N VAL A 93 -8.62 19.59 31.36
CA VAL A 93 -7.25 19.77 31.81
C VAL A 93 -6.33 19.05 30.83
N GLN A 94 -5.28 19.73 30.38
CA GLN A 94 -4.34 19.17 29.44
C GLN A 94 -2.93 19.21 30.03
N TRP A 95 -2.16 18.17 29.79
CA TRP A 95 -0.77 18.09 30.22
C TRP A 95 0.09 17.72 29.02
N MET A 96 1.27 18.32 28.93
CA MET A 96 2.23 18.02 27.88
C MET A 96 3.62 18.12 28.46
N PHE A 97 4.38 17.03 28.42
CA PHE A 97 5.73 17.04 28.97
C PHE A 97 6.62 16.11 28.17
N GLY A 98 7.91 16.21 28.43
CA GLY A 98 8.85 15.33 27.78
C GLY A 98 10.22 15.98 27.63
N CYS A 99 11.05 15.33 26.81
CA CYS A 99 12.44 15.70 26.65
C CYS A 99 12.88 15.51 25.21
N ASP A 100 13.78 16.38 24.78
CA ASP A 100 14.33 16.38 23.42
C ASP A 100 15.84 16.26 23.48
N ILE A 101 16.40 15.34 22.70
CA ILE A 101 17.83 15.30 22.42
C ILE A 101 18.03 15.93 21.05
N LEU A 102 18.67 17.10 21.02
CA LEU A 102 18.80 17.86 19.80
C LEU A 102 20.07 17.47 19.04
N GLU A 103 20.24 18.04 17.85
CA GLU A 103 21.29 17.61 16.94
C GLU A 103 22.70 17.93 17.43
N ASP A 104 22.83 18.91 18.34
CA ASP A 104 24.12 19.22 18.93
C ASP A 104 24.41 18.39 20.18
N GLY A 105 23.57 17.40 20.50
CA GLY A 105 23.77 16.58 21.66
C GLY A 105 23.30 17.19 22.96
N THR A 106 22.63 18.33 22.92
CA THR A 106 22.12 18.98 24.12
C THR A 106 20.75 18.42 24.50
N ILE A 107 20.32 18.74 25.72
CA ILE A 107 19.09 18.21 26.29
C ILE A 107 18.12 19.36 26.51
N ARG A 108 16.85 19.14 26.16
CA ARG A 108 15.77 20.06 26.48
C ARG A 108 14.67 19.30 27.19
N GLY A 109 13.94 19.99 28.04
CA GLY A 109 12.86 19.36 28.80
C GLY A 109 11.75 20.34 29.05
N TYR A 110 10.53 19.81 29.12
CA TYR A 110 9.36 20.67 29.32
C TYR A 110 8.27 19.91 30.06
N ARG A 111 7.44 20.68 30.77
CA ARG A 111 6.25 20.14 31.43
C ARG A 111 5.28 21.30 31.67
N GLN A 112 4.23 21.36 30.85
CA GLN A 112 3.26 22.44 30.92
C GLN A 112 1.85 21.87 30.99
N SER A 113 0.94 22.62 31.61
CA SER A 113 -0.46 22.24 31.73
C SER A 113 -1.34 23.38 31.28
N ALA A 114 -2.58 23.04 30.95
CA ALA A 114 -3.56 24.00 30.46
C ALA A 114 -4.92 23.67 31.03
N TYR A 115 -5.72 24.71 31.26
CA TYR A 115 -7.10 24.56 31.70
C TYR A 115 -8.00 25.28 30.71
N ASP A 116 -8.97 24.54 30.16
CA ASP A 116 -9.94 25.07 29.19
C ASP A 116 -9.24 25.81 28.05
N GLY A 117 -8.23 25.16 27.46
CA GLY A 117 -7.59 25.66 26.26
C GLY A 117 -6.49 26.69 26.48
N ARG A 118 -6.40 27.27 27.68
CA ARG A 118 -5.41 28.28 28.01
C ARG A 118 -4.45 27.78 29.07
N ASP A 119 -3.27 28.41 29.09
CA ASP A 119 -2.21 28.00 30.01
C ASP A 119 -2.65 28.13 31.46
N PHE A 120 -2.16 27.22 32.30
CA PHE A 120 -2.52 27.21 33.71
C PHE A 120 -1.28 27.26 34.59
N ILE A 121 -0.40 26.27 34.45
CA ILE A 121 0.83 26.21 35.21
C ILE A 121 1.88 25.52 34.35
N ALA A 122 3.15 25.85 34.59
CA ALA A 122 4.20 25.19 33.81
C ALA A 122 5.52 25.25 34.58
N LEU A 123 6.32 24.20 34.43
CA LEU A 123 7.67 24.22 34.95
C LEU A 123 8.52 25.09 34.04
N ASP A 124 9.20 26.09 34.62
CA ASP A 124 9.92 27.06 33.83
C ASP A 124 11.24 26.48 33.31
N LYS A 125 11.88 27.23 32.42
CA LYS A 125 13.01 26.70 31.66
C LYS A 125 14.18 26.34 32.57
N ASP A 126 14.38 27.05 33.67
CA ASP A 126 15.43 26.65 34.59
C ASP A 126 15.06 25.41 35.40
N MET A 127 13.77 25.03 35.41
CA MET A 127 13.30 23.83 36.09
C MET A 127 13.52 23.94 37.59
N LYS A 128 13.32 25.15 38.11
CA LYS A 128 13.55 25.43 39.52
C LYS A 128 12.31 25.88 40.27
N THR A 129 11.30 26.41 39.58
CA THR A 129 10.04 26.82 40.17
C THR A 129 8.90 26.42 39.23
N PHE A 130 7.69 26.78 39.61
CA PHE A 130 6.52 26.65 38.74
C PHE A 130 5.95 28.04 38.49
N THR A 131 5.57 28.30 37.24
CA THR A 131 4.99 29.57 36.83
C THR A 131 3.49 29.38 36.64
N ALA A 132 2.71 30.21 37.33
CA ALA A 132 1.25 30.18 37.26
C ALA A 132 0.78 31.23 36.26
N ALA A 133 0.19 30.77 35.15
CA ALA A 133 -0.30 31.71 34.15
C ALA A 133 -1.56 32.43 34.60
N VAL A 134 -2.30 31.87 35.55
CA VAL A 134 -3.54 32.46 36.05
C VAL A 134 -3.48 32.47 37.57
N PRO A 135 -4.22 33.39 38.22
CA PRO A 135 -4.22 33.40 39.69
C PRO A 135 -4.69 32.10 40.31
N GLU A 136 -5.65 31.41 39.67
CA GLU A 136 -6.16 30.15 40.19
C GLU A 136 -5.10 29.06 40.29
N ALA A 137 -3.93 29.26 39.69
CA ALA A 137 -2.84 28.30 39.77
C ALA A 137 -1.82 28.64 40.86
N VAL A 138 -1.98 29.77 41.52
CA VAL A 138 -1.03 30.20 42.55
C VAL A 138 -1.06 29.26 43.75
N PRO A 139 -2.24 28.83 44.26
CA PRO A 139 -2.21 27.84 45.34
C PRO A 139 -1.43 26.59 44.98
N THR A 140 -1.71 26.01 43.80
CA THR A 140 -1.00 24.80 43.37
C THR A 140 0.50 25.03 43.39
N LYS A 141 0.95 26.12 42.76
CA LYS A 141 2.38 26.44 42.76
C LYS A 141 2.92 26.40 44.18
N ARG A 142 2.26 27.08 45.11
CA ARG A 142 2.72 27.10 46.49
C ARG A 142 2.91 25.67 46.98
N LYS A 143 1.87 24.84 46.83
CA LYS A 143 1.97 23.48 47.30
C LYS A 143 3.11 22.77 46.61
N TRP A 144 3.20 22.92 45.28
CA TRP A 144 4.23 22.22 44.53
C TRP A 144 5.62 22.73 44.85
N GLU A 145 5.75 23.97 45.34
CA GLU A 145 7.07 24.44 45.70
C GLU A 145 7.48 24.07 47.12
N GLU A 146 6.54 23.63 47.95
CA GLU A 146 6.91 23.11 49.27
C GLU A 146 7.08 21.60 49.29
N GLU A 147 6.69 20.91 48.22
CA GLU A 147 6.81 19.46 48.14
C GLU A 147 8.03 19.02 47.35
N SER A 148 8.88 19.95 46.91
CA SER A 148 10.02 19.66 46.05
C SER A 148 9.56 18.94 44.77
N GLU A 149 8.56 19.51 44.12
CA GLU A 149 8.06 19.02 42.84
C GLU A 149 8.89 19.53 41.66
N PRO A 150 9.37 20.80 41.66
CA PRO A 150 10.25 21.21 40.57
C PRO A 150 11.49 20.35 40.43
N GLU A 151 12.14 19.99 41.54
CA GLU A 151 13.33 19.14 41.45
C GLU A 151 12.97 17.73 41.02
N ARG A 152 11.83 17.22 41.49
CA ARG A 152 11.36 15.90 41.05
C ARG A 152 11.20 15.86 39.53
N TRP A 153 10.50 16.84 38.97
CA TRP A 153 10.30 16.82 37.52
C TRP A 153 11.57 17.18 36.77
N LYS A 154 12.47 17.96 37.37
CA LYS A 154 13.76 18.21 36.74
C LYS A 154 14.56 16.91 36.63
N ASN A 155 14.55 16.10 37.70
CA ASN A 155 15.27 14.83 37.69
C ASN A 155 14.63 13.86 36.71
N TYR A 156 13.30 13.88 36.59
CA TYR A 156 12.65 13.05 35.59
C TYR A 156 13.04 13.47 34.18
N LEU A 157 12.91 14.76 33.87
CA LEU A 157 13.10 15.24 32.51
C LEU A 157 14.56 15.12 32.07
N GLU A 158 15.49 15.44 32.97
CA GLU A 158 16.90 15.44 32.61
C GLU A 158 17.54 14.06 32.64
N GLU A 159 16.89 13.05 33.23
CA GLU A 159 17.50 11.74 33.35
C GLU A 159 16.62 10.63 32.82
N THR A 160 15.61 10.28 33.62
CA THR A 160 14.72 9.16 33.29
C THR A 160 14.16 9.30 31.89
N CYS A 161 13.62 10.48 31.58
CA CYS A 161 13.08 10.74 30.26
C CYS A 161 14.12 10.52 29.18
N VAL A 162 15.32 11.08 29.37
CA VAL A 162 16.34 11.03 28.33
C VAL A 162 16.84 9.60 28.13
N GLU A 163 17.10 8.87 29.22
CA GLU A 163 17.62 7.51 29.07
C GLU A 163 16.57 6.58 28.46
N TRP A 164 15.30 6.73 28.88
CA TRP A 164 14.26 5.91 28.27
C TRP A 164 14.04 6.30 26.81
N LEU A 165 14.24 7.58 26.47
CA LEU A 165 14.18 7.99 25.07
C LEU A 165 15.30 7.34 24.26
N ARG A 166 16.49 7.24 24.85
CA ARG A 166 17.58 6.53 24.18
C ARG A 166 17.22 5.08 23.94
N ARG A 167 16.63 4.42 24.95
CA ARG A 167 16.18 3.05 24.77
C ARG A 167 15.14 2.95 23.65
N TYR A 168 14.17 3.86 23.64
CA TYR A 168 13.13 3.82 22.61
C TYR A 168 13.71 4.03 21.22
N VAL A 169 14.66 4.96 21.08
CA VAL A 169 15.29 5.21 19.79
C VAL A 169 16.08 3.99 19.34
N GLU A 170 16.67 3.25 20.29
CA GLU A 170 17.30 1.99 19.93
C GLU A 170 16.26 0.99 19.43
N TYR A 171 15.17 0.82 20.17
CA TYR A 171 14.17 -0.19 19.82
C TYR A 171 13.55 0.07 18.45
N GLY A 172 13.28 1.34 18.14
CA GLY A 172 12.57 1.65 16.91
C GLY A 172 13.40 2.30 15.83
N LYS A 173 14.71 2.07 15.87
CA LYS A 173 15.62 2.70 14.91
C LYS A 173 15.17 2.47 13.47
N ALA A 174 14.89 1.21 13.12
CA ALA A 174 14.51 0.89 11.74
C ALA A 174 13.23 1.63 11.32
N GLU A 175 12.25 1.70 12.21
CA GLU A 175 10.99 2.36 11.88
C GLU A 175 11.14 3.87 11.85
N LEU A 176 11.72 4.45 12.90
CA LEU A 176 11.81 5.91 12.99
C LEU A 176 12.73 6.48 11.92
N GLY A 177 13.82 5.78 11.60
CA GLY A 177 14.78 6.23 10.62
C GLY A 177 14.44 5.90 9.19
N ARG A 178 13.35 5.18 8.95
CA ARG A 178 12.99 4.79 7.59
C ARG A 178 12.63 6.02 6.75
N ARG A 179 12.66 5.85 5.44
CA ARG A 179 12.27 6.89 4.49
C ARG A 179 11.23 6.33 3.54
N GLU A 180 10.13 7.04 3.37
CA GLU A 180 9.06 6.66 2.44
C GLU A 180 8.78 7.84 1.51
N ARG A 181 8.91 7.60 0.21
CA ARG A 181 8.76 8.67 -0.76
C ARG A 181 7.28 9.04 -0.94
N PRO A 182 7.00 10.31 -1.18
CA PRO A 182 5.62 10.72 -1.45
C PRO A 182 5.22 10.43 -2.89
N GLU A 183 3.95 10.08 -3.05
CA GLU A 183 3.35 10.01 -4.38
C GLU A 183 2.68 11.35 -4.65
N VAL A 184 3.17 12.05 -5.67
CA VAL A 184 2.76 13.41 -5.97
C VAL A 184 1.80 13.42 -7.17
N ARG A 185 0.85 14.33 -7.13
CA ARG A 185 -0.20 14.39 -8.14
C ARG A 185 -0.63 15.84 -8.31
N VAL A 186 -0.43 16.38 -9.50
CA VAL A 186 -0.88 17.72 -9.85
C VAL A 186 -2.24 17.60 -10.53
N TRP A 187 -3.16 18.49 -10.17
CA TRP A 187 -4.53 18.47 -10.63
C TRP A 187 -4.96 19.91 -10.89
N GLY A 188 -5.93 20.07 -11.79
CA GLY A 188 -6.41 21.40 -12.09
C GLY A 188 -7.91 21.48 -12.27
N LYS A 189 -8.54 22.54 -11.76
CA LYS A 189 -9.97 22.73 -11.97
C LYS A 189 -10.25 24.21 -12.15
N GLU A 190 -11.22 24.52 -12.99
CA GLU A 190 -11.50 25.89 -13.38
C GLU A 190 -12.92 26.27 -12.95
N ALA A 191 -13.07 27.48 -12.44
CA ALA A 191 -14.35 27.97 -11.97
C ALA A 191 -14.32 29.49 -11.88
N ASP A 192 -15.43 30.11 -12.28
CA ASP A 192 -15.58 31.57 -12.22
C ASP A 192 -14.42 32.28 -12.91
N GLY A 193 -13.98 31.73 -14.03
CA GLY A 193 -12.87 32.30 -14.77
C GLY A 193 -11.57 32.34 -13.98
N ILE A 194 -11.33 31.32 -13.17
CA ILE A 194 -10.04 31.17 -12.47
C ILE A 194 -9.65 29.71 -12.52
N LEU A 195 -8.35 29.45 -12.67
CA LEU A 195 -7.81 28.10 -12.75
C LEU A 195 -7.07 27.81 -11.45
N THR A 196 -7.63 26.93 -10.62
CA THR A 196 -6.99 26.49 -9.40
C THR A 196 -6.19 25.24 -9.69
N LEU A 197 -4.87 25.33 -9.52
CA LEU A 197 -3.97 24.19 -9.60
C LEU A 197 -3.68 23.70 -8.20
N SER A 198 -3.61 22.38 -8.05
CA SER A 198 -3.37 21.75 -6.76
C SER A 198 -2.28 20.71 -6.91
N CYS A 199 -1.41 20.62 -5.91
CA CYS A 199 -0.35 19.63 -5.88
C CYS A 199 -0.45 18.88 -4.57
N ARG A 200 -0.68 17.57 -4.65
CA ARG A 200 -0.87 16.73 -3.47
C ARG A 200 0.29 15.74 -3.35
N ALA A 201 0.87 15.68 -2.16
CA ALA A 201 1.90 14.70 -1.82
C ALA A 201 1.31 13.74 -0.80
N HIS A 202 1.31 12.45 -1.14
CA HIS A 202 0.72 11.39 -0.33
C HIS A 202 1.81 10.51 0.28
N GLY A 203 1.61 10.09 1.52
CA GLY A 203 2.34 8.97 2.07
C GLY A 203 3.84 9.16 2.20
N PHE A 204 4.29 10.35 2.57
CA PHE A 204 5.71 10.58 2.78
C PHE A 204 6.08 10.42 4.25
N TYR A 205 7.32 10.06 4.49
CA TYR A 205 7.90 9.93 5.82
C TYR A 205 9.40 10.14 5.66
N PRO A 206 10.05 10.93 6.52
CA PRO A 206 9.47 11.57 7.71
C PRO A 206 8.58 12.78 7.44
N ARG A 207 8.18 13.46 8.51
CA ARG A 207 7.20 14.53 8.48
C ARG A 207 7.67 15.77 7.74
N PRO A 208 8.92 16.24 7.93
CA PRO A 208 9.34 17.47 7.25
C PRO A 208 9.32 17.33 5.73
N ILE A 209 8.75 18.33 5.06
CA ILE A 209 8.65 18.34 3.61
C ILE A 209 8.46 19.79 3.18
N VAL A 210 8.80 20.09 1.93
CA VAL A 210 8.49 21.39 1.33
C VAL A 210 7.87 21.16 -0.03
N VAL A 211 6.69 21.72 -0.25
CA VAL A 211 5.97 21.63 -1.51
C VAL A 211 5.71 23.04 -1.98
N SER A 212 6.38 23.45 -3.06
CA SER A 212 6.30 24.81 -3.57
C SER A 212 5.70 24.82 -4.97
N TRP A 213 5.02 25.92 -5.27
CA TRP A 213 4.51 26.17 -6.62
C TRP A 213 5.42 27.18 -7.29
N LEU A 214 6.04 26.76 -8.38
CA LEU A 214 6.91 27.62 -9.18
C LEU A 214 6.10 28.20 -10.32
N LYS A 215 6.25 29.50 -10.56
CA LYS A 215 5.70 30.13 -11.76
C LYS A 215 6.87 30.71 -12.54
N ASP A 216 7.04 30.22 -13.77
CA ASP A 216 8.13 30.65 -14.65
C ASP A 216 9.49 30.49 -13.98
N GLY A 217 9.66 29.39 -13.25
CA GLY A 217 10.92 29.05 -12.63
C GLY A 217 11.17 29.68 -11.27
N ALA A 218 10.28 30.53 -10.79
CA ALA A 218 10.47 31.24 -9.53
C ALA A 218 9.53 30.69 -8.48
N VAL A 219 10.06 30.50 -7.27
CA VAL A 219 9.25 29.97 -6.17
C VAL A 219 8.22 31.01 -5.76
N ARG A 220 6.95 30.60 -5.74
CA ARG A 220 5.91 31.49 -5.25
C ARG A 220 5.89 31.50 -3.73
N GLY A 221 5.58 32.67 -3.18
CA GLY A 221 5.55 32.85 -1.74
C GLY A 221 4.15 32.77 -1.18
N GLN A 222 3.58 33.92 -0.84
CA GLN A 222 2.29 34.01 -0.18
C GLN A 222 1.13 33.80 -1.15
N ASP A 223 1.41 33.46 -2.41
CA ASP A 223 0.38 33.22 -3.39
C ASP A 223 -0.16 31.80 -3.34
N ALA A 224 0.62 30.88 -2.77
CA ALA A 224 0.21 29.49 -2.61
C ALA A 224 -0.57 29.29 -1.31
N HIS A 225 -1.67 28.54 -1.41
CA HIS A 225 -2.48 28.17 -0.25
C HIS A 225 -2.10 26.76 0.15
N SER A 226 -1.40 26.63 1.28
CA SER A 226 -1.01 25.32 1.79
C SER A 226 -1.99 24.86 2.87
N GLY A 227 -2.13 23.54 2.99
CA GLY A 227 -2.92 22.93 4.03
C GLY A 227 -2.14 22.45 5.23
N GLY A 228 -0.81 22.60 5.22
CA GLY A 228 0.02 22.05 6.27
C GLY A 228 0.27 20.57 6.06
N ILE A 229 1.03 20.00 6.99
CA ILE A 229 1.30 18.57 6.99
C ILE A 229 0.30 17.88 7.90
N VAL A 230 -0.49 16.97 7.33
CA VAL A 230 -1.57 16.30 8.05
C VAL A 230 -1.24 14.82 8.06
N PRO A 231 -1.78 14.06 9.02
CA PRO A 231 -1.42 12.65 9.15
C PRO A 231 -2.24 11.71 8.28
N ASN A 232 -1.59 10.63 7.87
CA ASN A 232 -2.26 9.46 7.34
C ASN A 232 -2.50 8.46 8.47
N GLY A 233 -3.27 7.42 8.18
CA GLY A 233 -3.57 6.43 9.19
C GLY A 233 -2.42 5.50 9.52
N ASP A 234 -1.43 5.41 8.65
CA ASP A 234 -0.38 4.39 8.77
C ASP A 234 0.96 4.99 9.21
N GLY A 235 0.94 6.16 9.84
CA GLY A 235 2.17 6.79 10.28
C GLY A 235 2.89 7.61 9.23
N THR A 236 2.34 7.71 8.02
CA THR A 236 2.89 8.59 7.00
C THR A 236 2.11 9.90 7.01
N TYR A 237 2.49 10.82 6.13
CA TYR A 237 1.93 12.16 6.14
C TYR A 237 1.49 12.58 4.74
N HIS A 238 0.75 13.67 4.70
CA HIS A 238 0.12 14.15 3.48
C HIS A 238 0.11 15.67 3.49
N THR A 239 0.23 16.25 2.31
CA THR A 239 0.16 17.70 2.21
C THR A 239 -0.39 18.08 0.83
N TRP A 240 -0.93 19.28 0.74
CA TRP A 240 -1.47 19.75 -0.53
C TRP A 240 -1.37 21.27 -0.59
N VAL A 241 -0.90 21.78 -1.72
CA VAL A 241 -0.72 23.21 -1.94
C VAL A 241 -1.41 23.59 -3.25
N THR A 242 -2.21 24.66 -3.20
CA THR A 242 -2.91 25.14 -4.38
C THR A 242 -2.43 26.53 -4.74
N ILE A 243 -2.74 26.94 -5.97
CA ILE A 243 -2.40 28.27 -6.48
C ILE A 243 -3.39 28.63 -7.57
N GLU A 244 -3.76 29.91 -7.61
CA GLU A 244 -4.74 30.41 -8.57
C GLU A 244 -4.06 31.11 -9.73
N ALA A 245 -4.59 30.89 -10.93
CA ALA A 245 -4.03 31.46 -12.15
C ALA A 245 -5.15 31.81 -13.11
N GLN A 246 -4.78 32.38 -14.25
CA GLN A 246 -5.70 32.76 -15.30
C GLN A 246 -6.12 31.54 -16.12
N PRO A 247 -7.36 31.53 -16.62
CA PRO A 247 -7.77 30.48 -17.57
C PRO A 247 -6.77 30.32 -18.70
N GLY A 248 -6.21 29.12 -18.80
CA GLY A 248 -5.00 28.89 -19.58
C GLY A 248 -3.81 28.94 -18.65
N ASP A 249 -2.71 29.56 -19.09
CA ASP A 249 -1.55 29.83 -18.23
C ASP A 249 -1.09 28.60 -17.44
N GLY A 250 -1.41 27.40 -17.91
CA GLY A 250 -1.13 26.21 -17.12
C GLY A 250 0.30 25.73 -17.20
N ASP A 251 0.95 25.94 -18.35
CA ASP A 251 2.33 25.50 -18.52
C ASP A 251 3.33 26.33 -17.73
N LYS A 252 2.91 27.46 -17.16
CA LYS A 252 3.84 28.30 -16.42
C LYS A 252 4.16 27.72 -15.05
N TYR A 253 3.28 26.90 -14.50
CA TYR A 253 3.40 26.47 -13.11
C TYR A 253 3.96 25.06 -13.03
N GLN A 254 4.80 24.85 -12.04
CA GLN A 254 5.41 23.56 -11.73
C GLN A 254 5.26 23.31 -10.24
N CYS A 255 5.17 22.05 -9.85
CA CYS A 255 5.20 21.69 -8.43
C CYS A 255 6.56 21.11 -8.10
N ARG A 256 7.18 21.64 -7.03
CA ARG A 256 8.47 21.18 -6.56
C ARG A 256 8.29 20.56 -5.19
N VAL A 257 8.88 19.38 -5.00
CA VAL A 257 8.76 18.63 -3.75
C VAL A 257 10.17 18.33 -3.25
N GLU A 258 10.48 18.82 -2.04
CA GLU A 258 11.75 18.58 -1.38
C GLU A 258 11.48 17.77 -0.12
N HIS A 259 12.16 16.63 -0.02
CA HIS A 259 11.93 15.67 1.06
C HIS A 259 13.22 14.92 1.32
N ALA A 260 13.30 14.30 2.49
CA ALA A 260 14.51 13.54 2.84
C ALA A 260 14.66 12.29 1.99
N SER A 261 13.58 11.77 1.43
CA SER A 261 13.62 10.56 0.61
C SER A 261 13.98 10.83 -0.85
N LEU A 262 13.99 12.09 -1.28
CA LEU A 262 14.31 12.44 -2.66
C LEU A 262 15.72 13.05 -2.73
N PRO A 263 16.68 12.39 -3.37
CA PRO A 263 18.02 13.00 -3.51
C PRO A 263 17.99 14.35 -4.19
N GLN A 264 17.13 14.52 -5.18
CA GLN A 264 16.88 15.78 -5.86
C GLN A 264 15.39 16.08 -5.82
N PRO A 265 15.02 17.36 -5.73
CA PRO A 265 13.60 17.70 -5.64
C PRO A 265 12.83 17.19 -6.86
N GLY A 266 11.61 16.73 -6.61
CA GLY A 266 10.75 16.29 -7.69
C GLY A 266 9.99 17.45 -8.31
N LEU A 267 9.78 17.37 -9.61
CA LEU A 267 9.09 18.40 -10.37
C LEU A 267 7.95 17.78 -11.14
N TYR A 268 6.77 18.38 -11.04
CA TYR A 268 5.56 17.80 -11.61
C TYR A 268 4.75 18.88 -12.29
N SER A 269 3.99 18.47 -13.32
CA SER A 269 3.23 19.40 -14.13
C SER A 269 1.83 18.85 -14.39
N TRP A 270 0.94 19.74 -14.79
CA TRP A 270 -0.44 19.38 -15.10
C TRP A 270 -0.53 18.84 -16.52
N LYS A 271 -1.44 17.86 -16.72
CA LYS A 271 -1.60 17.17 -18.01
C LYS A 271 -3.10 16.89 -18.22
N LEU A 272 -3.81 17.89 -18.73
CA LEU A 272 -5.20 17.73 -19.12
C LEU A 272 -5.30 17.17 -20.54
N ASP B 1 -10.16 31.33 15.77
CA ASP B 1 -11.36 30.64 16.22
C ASP B 1 -11.04 29.24 16.71
N LEU B 2 -11.96 28.67 17.49
CA LEU B 2 -11.82 27.30 17.99
C LEU B 2 -12.76 26.33 17.28
N THR B 3 -13.18 26.68 16.06
CA THR B 3 -13.96 25.78 15.23
C THR B 3 -13.06 24.74 14.58
N PRO B 4 -13.58 23.56 14.26
CA PRO B 4 -12.75 22.54 13.60
C PRO B 4 -12.35 22.98 12.19
N LYS B 5 -11.06 22.83 11.89
CA LYS B 5 -10.54 23.01 10.55
C LYS B 5 -10.36 21.64 9.92
N VAL B 6 -11.12 21.35 8.87
CA VAL B 6 -11.26 20.00 8.34
C VAL B 6 -10.56 19.87 7.00
N GLN B 7 -10.06 18.67 6.73
CA GLN B 7 -9.43 18.33 5.46
C GLN B 7 -9.77 16.88 5.12
N VAL B 8 -10.22 16.65 3.89
CA VAL B 8 -10.58 15.32 3.42
C VAL B 8 -9.63 14.96 2.28
N TYR B 9 -9.02 13.78 2.38
CA TYR B 9 -8.04 13.36 1.38
C TYR B 9 -8.00 11.84 1.35
N SER B 10 -7.19 11.30 0.45
CA SER B 10 -7.00 9.86 0.32
C SER B 10 -5.55 9.50 0.59
N ARG B 11 -5.34 8.31 1.13
CA ARG B 11 -3.99 7.86 1.46
C ARG B 11 -3.09 7.85 0.22
N PHE B 12 -3.55 7.24 -0.86
CA PHE B 12 -2.87 7.26 -2.14
C PHE B 12 -3.63 8.15 -3.12
N PRO B 13 -2.95 8.62 -4.17
CA PRO B 13 -3.68 9.29 -5.27
C PRO B 13 -4.74 8.36 -5.82
N ALA B 14 -5.98 8.82 -5.80
CA ALA B 14 -7.12 7.93 -6.02
C ALA B 14 -7.25 7.56 -7.49
N SER B 15 -7.53 6.28 -7.72
CA SER B 15 -7.83 5.75 -9.04
C SER B 15 -9.06 4.85 -8.93
N ALA B 16 -10.03 5.07 -9.80
CA ALA B 16 -11.26 4.28 -9.77
C ALA B 16 -10.94 2.80 -9.91
N GLY B 17 -11.33 2.02 -8.91
CA GLY B 17 -11.12 0.59 -8.91
C GLY B 17 -9.97 0.09 -8.05
N THR B 18 -9.10 0.99 -7.59
CA THR B 18 -7.96 0.61 -6.77
C THR B 18 -8.24 0.94 -5.31
N LYS B 19 -7.89 0.01 -4.41
CA LYS B 19 -8.15 0.21 -3.00
C LYS B 19 -7.33 1.37 -2.45
N ASN B 20 -7.89 2.02 -1.43
CA ASN B 20 -7.31 3.23 -0.87
C ASN B 20 -7.91 3.44 0.52
N VAL B 21 -7.47 4.50 1.18
CA VAL B 21 -7.98 4.88 2.49
C VAL B 21 -8.42 6.34 2.42
N LEU B 22 -9.65 6.61 2.86
CA LEU B 22 -10.17 7.96 2.93
C LEU B 22 -9.95 8.49 4.35
N ASN B 23 -9.27 9.63 4.45
CA ASN B 23 -8.96 10.28 5.72
C ASN B 23 -9.70 11.60 5.83
N CYS B 24 -10.27 11.82 7.01
CA CYS B 24 -10.84 13.11 7.40
C CYS B 24 -10.12 13.58 8.66
N PHE B 25 -9.42 14.71 8.56
CA PHE B 25 -8.64 15.25 9.65
C PHE B 25 -9.25 16.58 10.10
N ALA B 26 -9.60 16.66 11.38
CA ALA B 26 -10.10 17.89 11.99
C ALA B 26 -9.09 18.37 13.02
N ALA B 27 -8.69 19.64 12.92
CA ALA B 27 -7.65 20.17 13.78
C ALA B 27 -8.02 21.57 14.25
N GLY B 28 -7.44 21.96 15.38
CA GLY B 28 -7.55 23.32 15.85
C GLY B 28 -8.84 23.67 16.56
N PHE B 29 -9.53 22.68 17.13
CA PHE B 29 -10.81 22.91 17.77
C PHE B 29 -10.69 22.77 19.29
N HIS B 30 -11.75 23.23 19.97
CA HIS B 30 -11.90 23.16 21.42
C HIS B 30 -13.33 23.58 21.74
N PRO B 31 -14.07 22.83 22.59
CA PRO B 31 -13.70 21.68 23.41
C PRO B 31 -13.44 20.40 22.61
N PRO B 32 -12.80 19.40 23.23
CA PRO B 32 -12.42 18.20 22.48
C PRO B 32 -13.59 17.36 22.00
N LYS B 33 -14.80 17.52 22.52
CA LYS B 33 -15.93 16.73 22.07
C LYS B 33 -16.27 17.10 20.63
N ILE B 34 -16.28 16.11 19.75
CA ILE B 34 -16.50 16.35 18.33
C ILE B 34 -17.04 15.08 17.71
N SER B 35 -17.81 15.23 16.63
CA SER B 35 -18.32 14.09 15.86
C SER B 35 -17.83 14.22 14.42
N ILE B 36 -17.20 13.16 13.92
CA ILE B 36 -16.62 13.14 12.58
C ILE B 36 -17.02 11.83 11.91
N THR B 37 -17.80 11.93 10.82
CA THR B 37 -18.36 10.75 10.16
C THR B 37 -18.03 10.79 8.68
N LEU B 38 -17.37 9.74 8.20
CA LEU B 38 -17.13 9.57 6.77
C LEU B 38 -18.37 8.98 6.09
N MET B 39 -18.73 9.53 4.93
CA MET B 39 -19.99 9.21 4.28
C MET B 39 -19.77 8.90 2.81
N LYS B 40 -20.20 7.72 2.37
CA LYS B 40 -20.30 7.38 0.96
C LYS B 40 -21.75 7.60 0.54
N ASP B 41 -22.00 8.71 -0.18
CA ASP B 41 -23.34 9.05 -0.67
C ASP B 41 -24.31 9.30 0.48
N GLY B 42 -23.87 10.10 1.45
CA GLY B 42 -24.67 10.43 2.61
C GLY B 42 -24.87 9.30 3.61
N VAL B 43 -24.36 8.11 3.33
CA VAL B 43 -24.48 6.99 4.25
C VAL B 43 -23.13 6.76 4.91
N PRO B 44 -23.07 6.53 6.23
CA PRO B 44 -21.77 6.34 6.88
C PRO B 44 -21.03 5.14 6.31
N MET B 45 -19.76 5.35 5.98
CA MET B 45 -18.91 4.30 5.43
C MET B 45 -18.62 3.25 6.49
N GLU B 46 -18.28 2.04 6.02
CA GLU B 46 -17.99 0.94 6.91
C GLU B 46 -16.50 0.85 7.21
N GLY B 47 -16.18 0.32 8.39
CA GLY B 47 -14.79 0.15 8.78
C GLY B 47 -14.07 1.44 9.11
N ALA B 48 -14.78 2.44 9.63
CA ALA B 48 -14.15 3.69 10.00
C ALA B 48 -13.44 3.54 11.34
N GLN B 49 -12.18 3.98 11.39
CA GLN B 49 -11.37 3.95 12.59
C GLN B 49 -11.05 5.38 13.00
N TYR B 50 -11.33 5.69 14.26
CA TYR B 50 -11.07 7.01 14.83
C TYR B 50 -9.73 6.93 15.59
N SER B 51 -8.80 7.79 15.20
CA SER B 51 -7.49 7.74 15.84
C SER B 51 -7.56 8.35 17.23
N ASP B 52 -6.49 8.13 18.00
CA ASP B 52 -6.37 8.73 19.31
C ASP B 52 -6.38 10.24 19.19
N MET B 53 -6.93 10.90 20.20
CA MET B 53 -7.04 12.35 20.20
C MET B 53 -5.77 12.95 20.80
N SER B 54 -5.18 13.90 20.08
CA SER B 54 -3.99 14.61 20.52
C SER B 54 -4.24 16.11 20.40
N PHE B 55 -3.29 16.90 20.87
CA PHE B 55 -3.34 18.34 20.71
C PHE B 55 -1.94 18.87 20.40
N ASN B 56 -1.91 20.07 19.83
CA ASN B 56 -0.66 20.71 19.44
C ASN B 56 -0.04 21.45 20.64
N ASP B 57 1.00 22.22 20.37
CA ASP B 57 1.62 23.05 21.40
C ASP B 57 0.70 24.19 21.84
N ASP B 58 -0.29 24.56 21.03
CA ASP B 58 -1.24 25.60 21.39
C ASP B 58 -2.49 25.04 22.06
N TRP B 59 -2.46 23.77 22.46
CA TRP B 59 -3.51 23.07 23.20
C TRP B 59 -4.77 22.82 22.37
N THR B 60 -4.74 23.09 21.06
CA THR B 60 -5.89 22.82 20.22
C THR B 60 -5.89 21.35 19.79
N PHE B 61 -7.08 20.76 19.77
CA PHE B 61 -7.22 19.32 19.59
C PHE B 61 -7.27 18.94 18.12
N GLN B 62 -6.87 17.70 17.84
CA GLN B 62 -6.89 17.13 16.51
C GLN B 62 -7.47 15.73 16.58
N ARG B 63 -8.11 15.30 15.50
CA ARG B 63 -8.62 13.95 15.39
C ARG B 63 -8.64 13.53 13.92
N LEU B 64 -8.26 12.29 13.66
CA LEU B 64 -8.21 11.73 12.32
C LEU B 64 -9.09 10.49 12.27
N VAL B 65 -10.06 10.49 11.35
CA VAL B 65 -10.84 9.31 11.02
C VAL B 65 -10.37 8.79 9.69
N HIS B 66 -10.33 7.47 9.54
CA HIS B 66 -9.93 6.89 8.26
C HIS B 66 -10.70 5.61 7.99
N ALA B 67 -10.93 5.33 6.72
CA ALA B 67 -11.69 4.14 6.34
C ALA B 67 -11.18 3.59 5.02
N ASP B 68 -11.02 2.27 4.96
CA ASP B 68 -10.65 1.62 3.71
C ASP B 68 -11.82 1.64 2.74
N PHE B 69 -11.52 1.86 1.46
CA PHE B 69 -12.56 1.92 0.46
C PHE B 69 -11.95 1.83 -0.93
N THR B 70 -12.79 1.50 -1.90
CA THR B 70 -12.39 1.53 -3.30
C THR B 70 -13.09 2.71 -3.97
N PRO B 71 -12.38 3.80 -4.28
CA PRO B 71 -13.02 4.97 -4.90
C PRO B 71 -13.75 4.59 -6.18
N SER B 72 -15.02 4.99 -6.26
CA SER B 72 -15.87 4.72 -7.41
C SER B 72 -16.27 6.04 -8.06
N SER B 73 -15.98 6.17 -9.35
CA SER B 73 -16.55 7.25 -10.14
C SER B 73 -18.06 7.06 -10.25
N GLY B 74 -18.81 8.09 -9.87
CA GLY B 74 -20.24 7.93 -9.65
C GLY B 74 -20.56 7.60 -8.21
N SER B 75 -19.84 8.24 -7.30
CA SER B 75 -20.07 8.11 -5.86
C SER B 75 -19.43 9.31 -5.19
N THR B 76 -20.17 9.97 -4.32
CA THR B 76 -19.67 11.14 -3.62
C THR B 76 -19.27 10.76 -2.20
N TYR B 77 -18.09 11.19 -1.80
CA TYR B 77 -17.55 10.89 -0.47
C TYR B 77 -17.37 12.20 0.28
N ALA B 78 -17.92 12.27 1.48
CA ALA B 78 -17.90 13.50 2.27
C ALA B 78 -17.53 13.18 3.72
N CYS B 79 -17.36 14.24 4.49
CA CYS B 79 -17.08 14.15 5.91
C CYS B 79 -18.00 15.11 6.65
N LYS B 80 -18.77 14.57 7.59
CA LYS B 80 -19.70 15.36 8.38
C LYS B 80 -19.10 15.60 9.77
N VAL B 81 -19.02 16.87 10.16
CA VAL B 81 -18.39 17.28 11.41
C VAL B 81 -19.39 18.08 12.23
N GLU B 82 -19.59 17.65 13.48
CA GLU B 82 -20.42 18.36 14.44
C GLU B 82 -19.57 18.76 15.64
N HIS B 83 -19.76 20.01 16.09
CA HIS B 83 -18.99 20.57 17.18
C HIS B 83 -19.79 21.69 17.80
N GLU B 84 -19.43 22.04 19.04
CA GLU B 84 -20.18 23.06 19.78
C GLU B 84 -20.09 24.43 19.10
N THR B 85 -18.94 24.73 18.48
CA THR B 85 -18.74 26.04 17.86
C THR B 85 -19.60 26.23 16.62
N LEU B 86 -20.05 25.16 15.99
CA LEU B 86 -20.89 25.21 14.80
C LEU B 86 -22.36 25.09 15.19
N LYS B 87 -23.20 25.93 14.60
CA LYS B 87 -24.63 25.88 14.86
C LYS B 87 -25.37 24.88 13.98
N GLU B 88 -24.65 24.14 13.15
CA GLU B 88 -25.21 23.08 12.31
C GLU B 88 -24.07 22.23 11.78
N PRO B 89 -24.26 20.93 11.60
CA PRO B 89 -23.16 20.08 11.11
C PRO B 89 -22.64 20.58 9.77
N GLN B 90 -21.33 20.45 9.57
CA GLN B 90 -20.67 20.93 8.36
C GLN B 90 -20.16 19.75 7.55
N VAL B 91 -20.40 19.80 6.24
CA VAL B 91 -20.06 18.72 5.33
C VAL B 91 -18.92 19.18 4.44
N TYR B 92 -17.87 18.36 4.34
CA TYR B 92 -16.70 18.65 3.53
C TYR B 92 -16.59 17.57 2.46
N LYS B 93 -16.77 17.96 1.20
CA LYS B 93 -16.73 17.01 0.11
C LYS B 93 -15.29 16.69 -0.28
N TRP B 94 -15.09 15.50 -0.81
CA TRP B 94 -13.77 15.01 -1.18
C TRP B 94 -13.58 15.16 -2.69
N ASP B 95 -12.49 15.81 -3.09
CA ASP B 95 -12.13 15.91 -4.49
C ASP B 95 -11.34 14.67 -4.88
N PRO B 96 -11.89 13.76 -5.70
CA PRO B 96 -11.19 12.49 -5.94
C PRO B 96 -9.83 12.66 -6.61
N GLU B 97 -9.76 13.39 -7.70
CA GLU B 97 -8.50 13.59 -8.41
C GLU B 97 -8.07 15.04 -8.31
N ILE C 1 9.21 6.34 29.71
CA ILE C 1 8.14 5.84 30.56
C ILE C 1 7.33 6.99 31.11
N ASP C 2 6.04 6.77 31.32
CA ASP C 2 5.20 7.77 31.96
C ASP C 2 5.51 7.82 33.45
N TRP C 3 5.06 8.91 34.09
CA TRP C 3 5.25 9.08 35.52
C TRP C 3 4.03 9.81 36.08
N PHE C 4 3.82 9.67 37.38
CA PHE C 4 2.58 10.13 37.98
C PHE C 4 2.64 11.63 38.26
N ASP C 5 1.51 12.29 38.04
CA ASP C 5 1.41 13.73 38.24
C ASP C 5 1.32 14.07 39.72
N GLY C 6 1.56 15.34 40.03
CA GLY C 6 1.42 15.82 41.39
C GLY C 6 0.00 16.26 41.70
N LYS C 7 -0.33 16.23 42.99
CA LYS C 7 -1.64 16.66 43.44
C LYS C 7 -1.72 18.17 43.54
N GLU C 8 -2.81 18.73 43.04
CA GLU C 8 -2.99 20.18 42.98
C GLU C 8 -3.83 20.71 44.14
N THR D 6 14.32 50.17 -7.14
CA THR D 6 13.56 48.92 -7.12
C THR D 6 12.12 49.16 -6.69
N MET D 7 11.90 49.40 -5.40
CA MET D 7 10.54 49.52 -4.86
C MET D 7 10.49 50.57 -3.78
N GLU D 8 9.54 51.50 -3.90
CA GLU D 8 9.17 52.43 -2.85
C GLU D 8 7.65 52.40 -2.68
N ALA D 9 7.16 52.92 -1.54
CA ALA D 9 5.73 52.85 -1.25
C ALA D 9 5.32 54.07 -0.44
N ARG D 10 4.90 55.15 -1.10
CA ARG D 10 4.70 56.40 -0.38
C ARG D 10 3.23 56.80 -0.41
N PHE D 11 2.92 57.95 0.18
CA PHE D 11 1.56 58.45 0.04
C PHE D 11 1.26 58.69 -1.43
N LEU D 12 0.03 58.34 -1.84
CA LEU D 12 -0.45 58.80 -3.13
C LEU D 12 -0.41 60.31 -3.16
N ASN D 13 -0.91 60.92 -2.10
CA ASN D 13 -0.81 62.37 -1.94
C ASN D 13 0.58 62.74 -1.48
N ARG D 14 1.38 63.26 -2.41
CA ARG D 14 2.75 63.64 -2.09
C ARG D 14 2.90 65.05 -1.54
N ASN D 15 1.85 65.88 -1.56
CA ASN D 15 2.00 67.16 -0.86
C ASN D 15 1.69 67.05 0.61
N MET D 16 0.99 65.99 0.97
CA MET D 16 0.43 65.82 2.30
C MET D 16 1.49 65.30 3.26
N LYS D 17 1.71 66.02 4.35
CA LYS D 17 2.75 65.63 5.30
C LYS D 17 2.25 64.75 6.43
N HIS D 18 1.01 64.94 6.90
CA HIS D 18 0.57 64.15 8.04
C HIS D 18 -0.79 63.53 7.77
N PRO D 19 -0.99 62.29 8.25
CA PRO D 19 -2.30 61.65 8.11
C PRO D 19 -3.23 62.22 9.15
N GLN D 20 -4.49 62.26 8.81
CA GLN D 20 -5.44 62.95 9.66
C GLN D 20 -6.43 62.01 10.28
N GLU D 21 -6.94 62.43 11.43
CA GLU D 21 -7.83 61.61 12.22
C GLU D 21 -9.26 61.56 11.67
N GLY D 22 -9.82 60.35 11.66
CA GLY D 22 -11.20 60.12 11.28
C GLY D 22 -11.47 59.98 9.79
N GLN D 23 -10.48 60.25 8.94
CA GLN D 23 -10.64 60.23 7.49
C GLN D 23 -9.83 59.10 6.86
N PRO D 24 -10.11 58.77 5.60
CA PRO D 24 -9.31 57.75 4.92
C PRO D 24 -7.90 58.23 4.63
N LEU D 25 -7.01 57.26 4.43
CA LEU D 25 -5.60 57.50 4.17
C LEU D 25 -5.14 56.58 3.06
N GLU D 26 -4.54 57.15 2.01
CA GLU D 26 -4.22 56.42 0.78
C GLU D 26 -2.71 56.24 0.64
N LEU D 27 -2.26 54.99 0.56
CA LEU D 27 -0.86 54.63 0.35
C LEU D 27 -0.67 53.88 -0.96
N GLU D 28 0.28 54.33 -1.77
CA GLU D 28 0.65 53.67 -3.01
C GLU D 28 2.02 53.00 -2.85
N CYS D 29 2.23 51.91 -3.59
CA CYS D 29 3.45 51.11 -3.48
C CYS D 29 3.80 50.57 -4.86
N MET D 30 4.90 51.07 -5.45
CA MET D 30 5.31 50.56 -6.75
C MET D 30 6.47 49.58 -6.61
N PRO D 31 6.24 48.28 -6.74
CA PRO D 31 7.32 47.30 -6.64
C PRO D 31 8.00 47.06 -7.98
N PHE D 32 9.27 46.66 -7.89
CA PHE D 32 10.02 46.35 -9.11
C PHE D 32 9.43 45.13 -9.83
N ASN D 33 8.83 44.22 -9.08
CA ASN D 33 8.14 43.06 -9.63
C ASN D 33 6.66 43.18 -9.27
N ILE D 34 5.79 43.03 -10.26
CA ILE D 34 4.36 43.18 -10.07
C ILE D 34 3.58 41.88 -10.24
N ASP D 35 4.14 40.88 -10.92
CA ASP D 35 3.46 39.60 -11.08
C ASP D 35 3.30 38.85 -9.77
N ASN D 36 3.94 39.29 -8.69
CA ASN D 36 3.74 38.73 -7.37
C ASN D 36 3.15 39.82 -6.47
N GLY D 37 2.37 39.40 -5.48
CA GLY D 37 1.71 40.35 -4.61
C GLY D 37 2.69 41.03 -3.67
N VAL D 38 2.13 41.91 -2.83
CA VAL D 38 2.91 42.61 -1.82
C VAL D 38 2.13 42.62 -0.52
N SER D 39 2.83 42.85 0.57
CA SER D 39 2.21 42.94 1.89
C SER D 39 2.46 44.31 2.49
N TRP D 40 1.41 44.88 3.07
CA TRP D 40 1.50 46.11 3.83
C TRP D 40 1.63 45.73 5.30
N ILE D 41 2.63 46.30 5.96
CA ILE D 41 2.88 46.09 7.39
C ILE D 41 3.08 47.45 8.05
N ARG D 42 2.84 47.49 9.36
CA ARG D 42 2.95 48.73 10.12
C ARG D 42 3.79 48.52 11.37
N GLN D 43 4.82 49.35 11.55
CA GLN D 43 5.68 49.37 12.71
C GLN D 43 5.23 50.47 13.67
N ASP D 44 5.20 50.16 14.96
CA ASP D 44 4.79 51.12 15.96
C ASP D 44 5.94 52.05 16.32
N LYS D 45 5.80 52.81 17.41
CA LYS D 45 6.89 53.63 17.89
C LYS D 45 7.85 52.83 18.75
N ASP D 46 7.39 51.75 19.38
CA ASP D 46 8.27 50.83 20.08
C ASP D 46 9.13 50.02 19.11
N GLY D 47 8.72 49.92 17.84
CA GLY D 47 9.37 49.06 16.88
C GLY D 47 8.69 47.73 16.61
N LYS D 48 7.57 47.45 17.27
CA LYS D 48 6.82 46.23 16.99
C LYS D 48 6.28 46.26 15.55
N LEU D 49 6.27 45.11 14.91
CA LEU D 49 5.85 44.99 13.52
C LEU D 49 4.50 44.28 13.44
N HIS D 50 3.56 44.89 12.72
CA HIS D 50 2.21 44.38 12.60
C HIS D 50 1.90 44.09 11.13
N PHE D 51 1.47 42.87 10.85
CA PHE D 51 1.02 42.54 9.50
C PHE D 51 -0.36 43.14 9.25
N ILE D 52 -0.49 43.85 8.12
CA ILE D 52 -1.76 44.50 7.80
C ILE D 52 -2.49 43.69 6.74
N VAL D 53 -1.89 43.53 5.56
CA VAL D 53 -2.62 42.84 4.48
C VAL D 53 -1.64 42.33 3.45
N TYR D 54 -2.00 41.23 2.80
CA TYR D 54 -1.34 40.76 1.58
C TYR D 54 -2.27 40.96 0.40
N ILE D 55 -1.79 41.63 -0.64
CA ILE D 55 -2.52 41.82 -1.88
C ILE D 55 -1.87 40.94 -2.94
N SER D 56 -2.68 40.08 -3.55
CA SER D 56 -2.23 39.14 -4.56
C SER D 56 -2.19 39.81 -5.93
N PRO D 57 -1.48 39.23 -6.89
CA PRO D 57 -1.46 39.82 -8.24
C PRO D 57 -2.84 39.93 -8.87
N LEU D 58 -3.77 39.05 -8.50
CA LEU D 58 -5.15 39.13 -8.96
C LEU D 58 -6.02 40.03 -8.09
N SER D 59 -5.41 40.80 -7.18
CA SER D 59 -6.06 41.75 -6.29
C SER D 59 -6.86 41.09 -5.17
N ARG D 60 -6.65 39.79 -4.93
CA ARG D 60 -7.38 39.07 -3.90
C ARG D 60 -6.66 39.25 -2.56
N THR D 61 -7.35 39.84 -1.59
CA THR D 61 -6.74 40.29 -0.35
C THR D 61 -6.80 39.24 0.74
N ALA D 62 -5.73 39.19 1.54
CA ALA D 62 -5.64 38.33 2.71
C ALA D 62 -5.31 39.20 3.92
N PHE D 63 -6.21 39.19 4.90
CA PHE D 63 -6.14 40.02 6.10
C PHE D 63 -5.72 39.18 7.29
N PRO D 64 -5.35 39.81 8.42
CA PRO D 64 -4.94 39.04 9.61
C PRO D 64 -6.03 38.08 10.05
N ARG D 65 -5.65 37.08 10.85
CA ARG D 65 -6.58 36.03 11.35
C ARG D 65 -7.32 35.35 10.18
N ASN D 66 -6.68 35.25 9.01
CA ASN D 66 -7.19 34.60 7.76
C ASN D 66 -8.29 35.35 6.99
N GLU D 67 -8.97 36.32 7.59
CA GLU D 67 -10.13 37.01 6.97
C GLU D 67 -9.87 37.60 5.59
N ARG D 68 -10.91 37.71 4.78
CA ARG D 68 -10.86 38.30 3.43
C ARG D 68 -11.69 39.58 3.50
N THR D 69 -12.19 39.91 4.69
CA THR D 69 -13.08 41.05 4.86
C THR D 69 -12.34 42.34 5.23
N SER D 70 -12.64 43.40 4.47
CA SER D 70 -12.25 44.77 4.79
C SER D 70 -13.06 45.35 5.94
N SER D 71 -12.57 45.22 7.18
CA SER D 71 -13.25 45.92 8.26
C SER D 71 -12.77 47.37 8.39
N GLN D 72 -11.46 47.59 8.33
CA GLN D 72 -10.81 48.89 8.45
C GLN D 72 -10.00 49.25 7.21
N PHE D 73 -9.30 48.29 6.64
CA PHE D 73 -8.33 48.50 5.57
C PHE D 73 -8.94 48.09 4.24
N GLU D 74 -8.32 48.56 3.15
CA GLU D 74 -8.67 48.09 1.82
C GLU D 74 -7.39 47.96 1.00
N GLY D 75 -7.14 46.77 0.49
CA GLY D 75 -6.01 46.50 -0.39
C GLY D 75 -6.48 46.26 -1.81
N SER D 76 -5.74 46.80 -2.77
CA SER D 76 -6.07 46.60 -4.18
C SER D 76 -4.82 46.76 -5.02
N LYS D 77 -4.95 46.41 -6.31
CA LYS D 77 -3.89 46.57 -7.30
C LYS D 77 -4.33 47.53 -8.40
N GLN D 78 -3.42 48.42 -8.82
CA GLN D 78 -3.69 49.43 -9.83
C GLN D 78 -2.46 49.60 -10.71
N GLY D 79 -2.56 49.24 -11.98
CA GLY D 79 -1.41 49.40 -12.85
C GLY D 79 -0.21 48.64 -12.30
N SER D 80 0.87 49.37 -12.01
CA SER D 80 2.08 48.79 -11.44
C SER D 80 2.29 49.20 -9.98
N SER D 81 1.20 49.46 -9.27
CA SER D 81 1.25 49.93 -7.89
C SER D 81 0.14 49.30 -7.08
N PHE D 82 0.47 48.77 -5.92
CA PHE D 82 -0.53 48.28 -4.98
C PHE D 82 -0.93 49.41 -4.05
N ARG D 83 -2.20 49.38 -3.61
CA ARG D 83 -2.76 50.50 -2.87
C ARG D 83 -3.42 49.99 -1.60
N LEU D 84 -3.10 50.64 -0.49
CA LEU D 84 -3.69 50.37 0.81
C LEU D 84 -4.35 51.63 1.34
N VAL D 85 -5.64 51.55 1.63
CA VAL D 85 -6.37 52.67 2.20
C VAL D 85 -6.79 52.30 3.61
N VAL D 86 -6.71 53.27 4.52
CA VAL D 86 -7.23 53.15 5.87
C VAL D 86 -8.53 53.94 5.88
N LYS D 87 -9.63 53.21 5.99
CA LYS D 87 -10.97 53.81 5.95
C LYS D 87 -11.13 54.87 7.02
N ASN D 88 -10.80 54.54 8.26
CA ASN D 88 -10.93 55.46 9.40
C ASN D 88 -9.55 55.50 10.06
N PHE D 89 -8.78 56.55 9.77
CA PHE D 89 -7.48 56.70 10.41
C PHE D 89 -7.68 57.15 11.85
N ARG D 90 -7.20 56.35 12.78
CA ARG D 90 -7.38 56.58 14.19
C ARG D 90 -6.01 56.83 14.83
N ALA D 91 -6.00 56.99 16.15
CA ALA D 91 -4.72 57.22 16.83
C ALA D 91 -3.88 55.96 16.87
N GLN D 92 -4.51 54.78 16.94
CA GLN D 92 -3.78 53.52 16.95
C GLN D 92 -3.31 53.08 15.57
N ASP D 93 -3.69 53.78 14.51
CA ASP D 93 -3.21 53.50 13.16
C ASP D 93 -1.94 54.27 12.82
N GLN D 94 -1.41 55.04 13.76
CA GLN D 94 -0.16 55.77 13.54
C GLN D 94 1.03 54.83 13.58
N GLY D 95 1.98 55.07 12.70
CA GLY D 95 3.16 54.22 12.63
C GLY D 95 3.84 54.34 11.29
N THR D 96 4.88 53.54 11.13
CA THR D 96 5.68 53.53 9.90
C THR D 96 5.24 52.35 9.04
N TYR D 97 4.78 52.66 7.83
CA TYR D 97 4.20 51.65 6.94
C TYR D 97 5.22 51.18 5.92
N PHE D 98 5.31 49.86 5.76
CA PHE D 98 6.25 49.23 4.82
C PHE D 98 5.51 48.36 3.82
N CYS D 99 6.08 48.31 2.61
CA CYS D 99 5.70 47.38 1.56
C CYS D 99 6.73 46.25 1.52
N ILE D 100 6.25 45.00 1.42
CA ILE D 100 7.10 43.83 1.39
C ILE D 100 6.76 43.03 0.14
N ALA D 101 7.78 42.71 -0.65
CA ALA D 101 7.64 41.86 -1.83
C ALA D 101 8.38 40.56 -1.58
N ASN D 102 7.70 39.43 -1.78
CA ASN D 102 8.27 38.11 -1.55
C ASN D 102 8.40 37.37 -2.89
N ILE D 103 9.60 37.46 -3.48
CA ILE D 103 9.91 36.82 -4.76
C ILE D 103 11.02 35.80 -4.54
N ASN D 104 10.76 34.55 -4.93
CA ASN D 104 11.74 33.46 -4.87
C ASN D 104 12.39 33.36 -3.48
N GLN D 105 11.54 33.14 -2.47
CA GLN D 105 11.96 33.00 -1.08
C GLN D 105 12.71 34.25 -0.58
N MET D 106 12.66 35.35 -1.31
CA MET D 106 13.43 36.56 -1.04
C MET D 106 12.47 37.67 -0.64
N LEU D 107 12.83 38.42 0.38
CA LEU D 107 12.02 39.55 0.83
C LEU D 107 12.71 40.87 0.48
N TYR D 108 11.94 41.80 -0.08
CA TYR D 108 12.40 43.15 -0.40
C TYR D 108 11.46 44.16 0.24
N PHE D 109 12.04 45.12 0.96
CA PHE D 109 11.29 46.09 1.73
C PHE D 109 11.45 47.49 1.15
N SER D 110 10.34 48.22 1.05
CA SER D 110 10.43 49.64 0.77
C SER D 110 10.79 50.38 2.05
N SER D 111 11.31 51.59 1.90
CA SER D 111 11.58 52.43 3.05
C SER D 111 10.26 52.80 3.72
N GLY D 112 10.24 52.75 5.05
CA GLY D 112 9.00 52.97 5.78
C GLY D 112 8.51 54.40 5.67
N GLN D 113 7.19 54.57 5.78
CA GLN D 113 6.61 55.91 5.77
C GLN D 113 5.98 56.24 7.12
N PRO D 114 6.37 57.34 7.77
CA PRO D 114 5.77 57.69 9.05
C PRO D 114 4.41 58.35 8.84
N ALA D 115 3.38 57.77 9.43
CA ALA D 115 2.04 58.31 9.46
C ALA D 115 1.74 58.67 10.91
N PHE D 116 1.88 59.96 11.23
CA PHE D 116 1.69 60.44 12.59
C PHE D 116 0.96 61.77 12.53
N PHE D 117 0.18 62.06 13.56
CA PHE D 117 -0.64 63.27 13.57
C PHE D 117 0.23 64.52 13.66
N THR E 6 2.82 33.08 19.21
CA THR E 6 3.72 34.20 19.02
C THR E 6 5.17 33.72 18.94
N MET E 7 6.09 34.68 18.76
CA MET E 7 7.49 34.38 18.48
C MET E 7 8.39 35.42 19.14
N GLU E 8 9.47 34.96 19.76
CA GLU E 8 10.54 35.83 20.17
C GLU E 8 11.84 35.39 19.51
N ALA E 9 12.83 36.26 19.59
CA ALA E 9 14.14 36.07 18.96
C ALA E 9 15.16 36.63 19.94
N ARG E 10 15.88 35.74 20.60
CA ARG E 10 16.77 36.10 21.69
C ARG E 10 18.20 35.75 21.29
N PHE E 11 19.15 36.17 22.14
CA PHE E 11 20.47 35.55 22.09
C PHE E 11 20.33 34.10 22.55
N LEU E 12 21.18 33.23 22.01
CA LEU E 12 21.19 31.84 22.49
C LEU E 12 21.52 31.80 23.98
N ASN E 13 22.58 32.49 24.39
CA ASN E 13 22.96 32.59 25.79
C ASN E 13 22.07 33.61 26.47
N ARG E 14 21.28 33.16 27.45
CA ARG E 14 20.32 33.98 28.16
C ARG E 14 20.98 34.89 29.17
N ASN E 15 22.28 34.71 29.41
CA ASN E 15 23.02 35.63 30.25
C ASN E 15 23.50 36.86 29.49
N MET E 16 23.61 36.78 28.17
CA MET E 16 24.24 37.84 27.39
C MET E 16 23.25 38.99 27.18
N LYS E 17 23.65 40.19 27.58
CA LYS E 17 22.84 41.40 27.45
C LYS E 17 23.15 42.15 26.17
N HIS E 18 24.43 42.24 25.81
CA HIS E 18 24.91 42.95 24.64
C HIS E 18 25.96 42.12 23.91
N PRO E 19 26.00 42.19 22.58
CA PRO E 19 27.01 41.45 21.83
C PRO E 19 28.39 42.09 21.89
N GLN E 20 29.40 41.24 21.84
CA GLN E 20 30.79 41.66 21.93
C GLN E 20 31.44 41.71 20.55
N GLU E 21 32.42 42.60 20.41
CA GLU E 21 33.13 42.74 19.15
C GLU E 21 34.17 41.64 18.97
N GLY E 22 34.25 41.12 17.75
CA GLY E 22 35.24 40.12 17.38
C GLY E 22 34.88 38.69 17.67
N GLN E 23 33.78 38.43 18.36
CA GLN E 23 33.39 37.08 18.73
C GLN E 23 32.14 36.63 17.99
N PRO E 24 31.88 35.32 17.96
CA PRO E 24 30.64 34.81 17.37
C PRO E 24 29.42 35.16 18.22
N LEU E 25 28.26 35.15 17.56
CA LEU E 25 26.99 35.48 18.20
C LEU E 25 25.91 34.58 17.65
N GLU E 26 25.18 33.89 18.52
CA GLU E 26 24.13 32.99 18.06
C GLU E 26 22.77 33.55 18.43
N LEU E 27 21.89 33.71 17.45
CA LEU E 27 20.55 34.21 17.67
C LEU E 27 19.58 33.04 17.50
N GLU E 28 18.73 32.86 18.50
CA GLU E 28 17.73 31.80 18.54
C GLU E 28 16.35 32.37 18.27
N CYS E 29 15.52 31.58 17.59
CA CYS E 29 14.18 31.99 17.20
C CYS E 29 13.29 30.75 17.24
N MET E 30 12.38 30.69 18.20
CA MET E 30 11.44 29.57 18.25
C MET E 30 10.11 30.02 17.67
N PRO E 31 9.74 29.60 16.47
CA PRO E 31 8.45 29.99 15.92
C PRO E 31 7.36 29.03 16.38
N PHE E 32 6.14 29.56 16.48
CA PHE E 32 5.02 28.74 16.88
C PHE E 32 4.72 27.65 15.85
N ASN E 33 5.00 27.91 14.58
CA ASN E 33 4.88 26.91 13.53
C ASN E 33 6.25 26.72 12.88
N ILE E 34 6.67 25.46 12.76
CA ILE E 34 7.97 25.12 12.18
C ILE E 34 7.84 24.41 10.85
N ASP E 35 6.63 23.98 10.46
CA ASP E 35 6.45 23.33 9.17
C ASP E 35 6.80 24.23 8.01
N ASN E 36 6.94 25.54 8.24
CA ASN E 36 7.44 26.48 7.26
C ASN E 36 8.70 27.13 7.82
N GLY E 37 9.57 27.57 6.92
CA GLY E 37 10.83 28.17 7.31
C GLY E 37 10.62 29.56 7.92
N VAL E 38 11.74 30.21 8.21
CA VAL E 38 11.74 31.57 8.73
C VAL E 38 12.75 32.40 7.94
N SER E 39 12.57 33.71 8.01
CA SER E 39 13.50 34.65 7.41
C SER E 39 14.04 35.57 8.48
N TRP E 40 15.35 35.82 8.45
CA TRP E 40 15.99 36.77 9.34
C TRP E 40 16.13 38.11 8.66
N ILE E 41 15.73 39.17 9.35
CA ILE E 41 15.86 40.52 8.81
C ILE E 41 16.56 41.39 9.84
N ARG E 42 17.21 42.44 9.35
CA ARG E 42 17.96 43.36 10.19
C ARG E 42 17.55 44.79 9.87
N GLN E 43 17.14 45.53 10.89
CA GLN E 43 16.80 46.94 10.77
C GLN E 43 17.97 47.76 11.29
N ASP E 44 18.36 48.79 10.52
CA ASP E 44 19.45 49.68 10.85
C ASP E 44 18.99 50.81 11.76
N LYS E 45 19.81 51.86 11.89
CA LYS E 45 19.41 53.05 12.61
C LYS E 45 18.55 53.98 11.75
N ASP E 46 18.65 53.91 10.43
CA ASP E 46 17.71 54.67 9.60
C ASP E 46 16.30 54.11 9.69
N GLY E 47 16.17 52.84 10.07
CA GLY E 47 14.91 52.12 10.09
C GLY E 47 14.65 51.28 8.86
N LYS E 48 15.51 51.32 7.85
CA LYS E 48 15.33 50.45 6.71
C LYS E 48 15.59 48.99 7.08
N LEU E 49 14.93 48.09 6.37
CA LEU E 49 14.93 46.66 6.66
C LEU E 49 15.77 45.88 5.66
N HIS E 50 16.65 45.01 6.17
CA HIS E 50 17.54 44.18 5.37
C HIS E 50 17.19 42.72 5.57
N PHE E 51 16.96 42.01 4.47
CA PHE E 51 16.77 40.57 4.51
C PHE E 51 18.13 39.89 4.67
N ILE E 52 18.23 38.94 5.60
CA ILE E 52 19.50 38.27 5.85
C ILE E 52 19.54 36.90 5.19
N VAL E 53 18.65 35.99 5.59
CA VAL E 53 18.67 34.62 5.09
C VAL E 53 17.31 33.99 5.34
N TYR E 54 16.91 33.06 4.48
CA TYR E 54 15.76 32.21 4.71
C TYR E 54 16.22 30.79 5.05
N ILE E 55 15.74 30.27 6.17
CA ILE E 55 16.02 28.90 6.60
C ILE E 55 14.76 28.08 6.40
N SER E 56 14.88 26.99 5.64
CA SER E 56 13.78 26.10 5.32
C SER E 56 13.60 25.04 6.41
N PRO E 57 12.45 24.37 6.45
CA PRO E 57 12.26 23.30 7.45
C PRO E 57 13.27 22.17 7.31
N LEU E 58 13.80 21.93 6.12
CA LEU E 58 14.85 20.94 5.91
C LEU E 58 16.24 21.50 6.18
N SER E 59 16.33 22.71 6.74
CA SER E 59 17.57 23.41 7.10
C SER E 59 18.33 23.92 5.89
N ARG E 60 17.69 23.94 4.71
CA ARG E 60 18.33 24.42 3.49
C ARG E 60 18.18 25.93 3.40
N THR E 61 19.30 26.65 3.46
CA THR E 61 19.29 28.10 3.57
C THR E 61 19.41 28.75 2.20
N ALA E 62 18.71 29.88 2.04
CA ALA E 62 18.74 30.70 0.84
C ALA E 62 19.17 32.11 1.23
N PHE E 63 20.30 32.56 0.66
CA PHE E 63 20.95 33.82 0.96
C PHE E 63 20.70 34.83 -0.15
N PRO E 64 20.87 36.12 0.13
CA PRO E 64 20.63 37.13 -0.92
C PRO E 64 21.54 36.89 -2.11
N ARG E 65 21.25 37.56 -3.21
CA ARG E 65 21.98 37.26 -4.43
C ARG E 65 23.25 38.09 -4.54
N ASN E 66 23.46 38.99 -3.58
CA ASN E 66 24.76 39.69 -3.48
C ASN E 66 25.57 38.75 -2.60
N GLU E 67 25.62 37.48 -3.03
CA GLU E 67 26.23 36.35 -2.25
C GLU E 67 27.54 36.73 -1.55
N ARG E 68 27.56 36.70 -0.20
CA ARG E 68 28.72 36.89 0.76
C ARG E 68 28.31 36.81 2.24
N THR E 69 27.02 36.72 2.53
CA THR E 69 26.49 36.44 3.88
C THR E 69 26.76 34.98 4.23
N SER E 70 26.51 34.05 3.28
CA SER E 70 26.90 32.69 3.62
C SER E 70 28.37 32.58 3.95
N SER E 71 29.14 33.63 3.63
CA SER E 71 30.52 33.75 4.11
C SER E 71 30.57 34.29 5.53
N GLN E 72 29.56 35.07 5.93
CA GLN E 72 29.54 35.75 7.22
C GLN E 72 28.57 35.09 8.18
N PHE E 73 27.27 35.11 7.88
CA PHE E 73 26.29 34.52 8.76
C PHE E 73 25.84 33.18 8.20
N GLU E 74 25.31 32.34 9.07
CA GLU E 74 24.83 31.04 8.62
C GLU E 74 23.57 30.64 9.38
N GLY E 75 22.58 30.18 8.63
CA GLY E 75 21.32 29.75 9.20
C GLY E 75 21.28 28.25 9.39
N SER E 76 20.66 27.82 10.49
CA SER E 76 20.58 26.40 10.83
C SER E 76 19.30 26.17 11.61
N LYS E 77 18.95 24.90 11.77
CA LYS E 77 17.83 24.50 12.61
C LYS E 77 18.32 23.57 13.70
N GLN E 78 17.78 23.75 14.91
CA GLN E 78 18.18 22.98 16.07
C GLN E 78 16.88 22.66 16.81
N GLY E 79 16.52 21.39 16.85
CA GLY E 79 15.26 21.01 17.46
C GLY E 79 14.10 21.71 16.77
N SER E 80 13.37 22.52 17.53
CA SER E 80 12.25 23.30 17.01
C SER E 80 12.58 24.80 16.97
N SER E 81 13.85 25.13 16.76
CA SER E 81 14.29 26.52 16.81
C SER E 81 15.23 26.81 15.66
N PHE E 82 15.00 27.93 14.97
CA PHE E 82 15.90 28.37 13.92
C PHE E 82 17.00 29.26 14.52
N ARG E 83 18.18 29.19 13.93
CA ARG E 83 19.38 29.78 14.48
C ARG E 83 20.11 30.55 13.40
N LEU E 84 20.56 31.76 13.75
CA LEU E 84 21.39 32.56 12.86
C LEU E 84 22.72 32.78 13.59
N VAL E 85 23.83 32.37 12.97
CA VAL E 85 25.14 32.44 13.60
C VAL E 85 25.96 33.54 12.94
N VAL E 86 26.66 34.29 13.79
CA VAL E 86 27.63 35.31 13.41
C VAL E 86 29.02 34.76 13.74
N LYS E 87 29.82 34.51 12.70
CA LYS E 87 31.21 34.15 12.91
C LYS E 87 31.94 35.26 13.67
N ASN E 88 31.86 36.47 13.16
CA ASN E 88 32.50 37.64 13.73
C ASN E 88 31.45 38.73 13.83
N PHE E 89 31.14 39.16 15.04
CA PHE E 89 30.25 40.31 15.17
C PHE E 89 31.01 41.57 14.78
N ARG E 90 30.50 42.31 13.79
CA ARG E 90 31.15 43.50 13.27
C ARG E 90 30.36 44.75 13.67
N ALA E 91 30.86 45.90 13.24
CA ALA E 91 30.17 47.15 13.51
C ALA E 91 28.92 47.30 12.65
N GLN E 92 28.95 46.76 11.43
CA GLN E 92 27.81 46.78 10.53
C GLN E 92 26.78 45.72 10.89
N ASP E 93 27.07 44.86 11.85
CA ASP E 93 26.13 43.84 12.30
C ASP E 93 25.25 44.33 13.44
N GLN E 94 25.43 45.56 13.89
CA GLN E 94 24.56 46.13 14.90
C GLN E 94 23.23 46.53 14.28
N GLY E 95 22.15 46.25 14.99
CA GLY E 95 20.83 46.53 14.48
C GLY E 95 19.81 45.67 15.21
N THR E 96 18.56 45.81 14.79
CA THR E 96 17.49 45.03 15.39
C THR E 96 17.16 43.85 14.49
N TYR E 97 17.30 42.64 15.02
CA TYR E 97 17.10 41.42 14.25
C TYR E 97 15.71 40.86 14.50
N PHE E 98 15.00 40.55 13.43
CA PHE E 98 13.65 40.01 13.50
C PHE E 98 13.58 38.67 12.78
N CYS E 99 12.69 37.82 13.30
CA CYS E 99 12.30 36.57 12.67
C CYS E 99 10.95 36.78 12.00
N ILE E 100 10.81 36.31 10.77
CA ILE E 100 9.58 36.41 10.01
C ILE E 100 9.14 35.01 9.60
N ALA E 101 7.91 34.65 9.94
CA ALA E 101 7.31 33.38 9.57
C ALA E 101 6.19 33.63 8.58
N ASN E 102 6.21 32.91 7.46
CA ASN E 102 5.22 33.04 6.40
C ASN E 102 4.38 31.77 6.37
N ILE E 103 3.27 31.82 7.10
CA ILE E 103 2.31 30.70 7.19
C ILE E 103 1.09 31.05 6.35
N ASN E 104 0.95 30.36 5.22
CA ASN E 104 -0.10 30.63 4.21
C ASN E 104 0.13 32.03 3.67
N GLN E 105 -0.84 32.91 3.72
CA GLN E 105 -0.51 34.24 3.18
C GLN E 105 -0.31 35.13 4.39
N MET E 106 0.18 34.55 5.48
CA MET E 106 0.26 35.35 6.69
C MET E 106 1.70 35.56 7.13
N LEU E 107 2.01 36.79 7.51
CA LEU E 107 3.32 37.14 8.04
C LEU E 107 3.22 37.31 9.55
N TYR E 108 4.15 36.69 10.27
CA TYR E 108 4.24 36.82 11.72
C TYR E 108 5.66 37.24 12.06
N PHE E 109 5.78 38.28 12.88
CA PHE E 109 7.08 38.84 13.22
C PHE E 109 7.37 38.52 14.68
N SER E 110 8.60 38.08 14.94
CA SER E 110 9.05 37.92 16.31
C SER E 110 9.45 39.27 16.88
N SER E 111 9.52 39.34 18.21
CA SER E 111 10.04 40.54 18.84
C SER E 111 11.51 40.68 18.50
N GLY E 112 11.91 41.89 18.11
CA GLY E 112 13.28 42.10 17.66
C GLY E 112 14.28 42.00 18.79
N GLN E 113 15.50 41.61 18.43
CA GLN E 113 16.60 41.59 19.37
C GLN E 113 17.60 42.67 18.96
N PRO E 114 17.89 43.64 19.82
CA PRO E 114 18.88 44.67 19.47
C PRO E 114 20.28 44.16 19.73
N ALA E 115 21.13 44.23 18.72
CA ALA E 115 22.55 43.92 18.83
C ALA E 115 23.31 45.22 18.64
N PHE E 116 23.66 45.87 19.74
CA PHE E 116 24.36 47.14 19.77
C PHE E 116 25.35 47.12 20.93
N PHE E 117 26.45 47.87 20.78
CA PHE E 117 27.51 47.89 21.80
C PHE E 117 27.95 46.50 22.22
N GLU F 1 -11.75 -8.36 -22.74
CA GLU F 1 -12.71 -8.94 -23.68
C GLU F 1 -13.15 -10.32 -23.21
N LEU F 2 -12.24 -11.04 -22.57
CA LEU F 2 -12.57 -12.33 -21.96
C LEU F 2 -13.18 -12.08 -20.59
N HIS F 3 -14.39 -12.59 -20.38
CA HIS F 3 -15.09 -12.44 -19.10
C HIS F 3 -15.59 -13.79 -18.64
N THR F 4 -15.56 -14.02 -17.33
CA THR F 4 -15.99 -15.29 -16.76
C THR F 4 -16.85 -15.05 -15.54
N LEU F 5 -17.90 -15.86 -15.39
CA LEU F 5 -18.71 -15.90 -14.18
C LEU F 5 -18.72 -17.34 -13.69
N ARG F 6 -18.27 -17.54 -12.44
CA ARG F 6 -18.16 -18.88 -11.87
C ARG F 6 -18.74 -18.90 -10.46
N TYR F 7 -19.41 -20.00 -10.13
CA TYR F 7 -19.87 -20.26 -8.78
C TYR F 7 -19.37 -21.62 -8.34
N ILE F 8 -18.84 -21.70 -7.12
CA ILE F 8 -18.38 -22.96 -6.56
C ILE F 8 -19.02 -23.17 -5.19
N ARG F 9 -19.40 -24.41 -4.91
CA ARG F 9 -19.96 -24.83 -3.63
C ARG F 9 -19.12 -25.94 -3.02
N THR F 10 -19.04 -25.94 -1.70
CA THR F 10 -18.41 -27.00 -0.94
C THR F 10 -19.32 -27.35 0.25
N ALA F 11 -19.69 -28.63 0.35
CA ALA F 11 -20.49 -29.14 1.46
C ALA F 11 -19.71 -30.25 2.14
N MET F 12 -19.38 -30.06 3.41
CA MET F 12 -18.48 -30.94 4.13
C MET F 12 -19.18 -31.57 5.33
N THR F 13 -18.69 -32.76 5.70
CA THR F 13 -19.09 -33.37 6.98
C THR F 13 -18.09 -33.05 8.08
N ASP F 14 -16.83 -32.81 7.73
CA ASP F 14 -15.77 -32.46 8.68
C ASP F 14 -15.17 -31.13 8.24
N PRO F 15 -15.85 -30.01 8.50
CA PRO F 15 -15.35 -28.70 8.04
C PRO F 15 -14.18 -28.19 8.88
N GLY F 16 -14.15 -28.58 10.15
CA GLY F 16 -13.22 -28.03 11.08
C GLY F 16 -13.92 -27.33 12.23
N PRO F 17 -13.21 -27.13 13.34
CA PRO F 17 -13.83 -26.48 14.51
C PRO F 17 -14.20 -25.04 14.21
N GLY F 18 -15.48 -24.73 14.42
CA GLY F 18 -15.97 -23.38 14.19
C GLY F 18 -15.93 -22.95 12.74
N GLN F 19 -16.12 -23.89 11.81
CA GLN F 19 -16.10 -23.52 10.39
C GLN F 19 -17.40 -23.97 9.73
N PRO F 20 -17.95 -23.18 8.81
CA PRO F 20 -19.22 -23.57 8.17
C PRO F 20 -19.05 -24.78 7.25
N TRP F 21 -19.99 -25.71 7.35
CA TRP F 21 -19.94 -26.93 6.54
C TRP F 21 -20.36 -26.70 5.09
N PHE F 22 -21.15 -25.67 4.83
CA PHE F 22 -21.61 -25.35 3.47
C PHE F 22 -21.15 -23.96 3.12
N VAL F 23 -20.42 -23.83 2.01
CA VAL F 23 -19.90 -22.54 1.55
C VAL F 23 -20.12 -22.43 0.05
N THR F 24 -20.64 -21.29 -0.40
CA THR F 24 -20.77 -21.00 -1.82
C THR F 24 -20.15 -19.65 -2.09
N VAL F 25 -19.31 -19.56 -3.11
CA VAL F 25 -18.68 -18.30 -3.48
C VAL F 25 -18.70 -18.12 -5.00
N GLY F 26 -18.82 -16.86 -5.41
CA GLY F 26 -18.88 -16.51 -6.82
C GLY F 26 -17.77 -15.56 -7.22
N TYR F 27 -17.31 -15.72 -8.46
CA TYR F 27 -16.20 -14.96 -9.02
C TYR F 27 -16.61 -14.39 -10.36
N VAL F 28 -16.35 -13.09 -10.54
CA VAL F 28 -16.45 -12.41 -11.83
C VAL F 28 -15.03 -12.06 -12.26
N ASP F 29 -14.61 -12.61 -13.41
CA ASP F 29 -13.26 -12.40 -13.93
C ASP F 29 -12.19 -12.78 -12.91
N GLY F 30 -12.46 -13.84 -12.16
CA GLY F 30 -11.55 -14.29 -11.12
C GLY F 30 -11.66 -13.58 -9.80
N GLU F 31 -12.38 -12.45 -9.72
CA GLU F 31 -12.51 -11.69 -8.49
C GLU F 31 -13.71 -12.19 -7.70
N LEU F 32 -13.47 -12.53 -6.43
CA LEU F 32 -14.54 -12.94 -5.53
C LEU F 32 -15.48 -11.76 -5.28
N PHE F 33 -16.78 -11.95 -5.51
CA PHE F 33 -17.72 -10.85 -5.33
C PHE F 33 -18.97 -11.18 -4.53
N VAL F 34 -19.33 -12.45 -4.38
CA VAL F 34 -20.45 -12.84 -3.53
C VAL F 34 -20.05 -14.06 -2.72
N HIS F 35 -20.73 -14.24 -1.58
CA HIS F 35 -20.35 -15.28 -0.64
C HIS F 35 -21.54 -15.66 0.23
N TYR F 36 -21.69 -16.96 0.45
CA TYR F 36 -22.70 -17.50 1.34
C TYR F 36 -22.10 -18.68 2.09
N ASN F 37 -22.40 -18.79 3.38
CA ASN F 37 -22.04 -19.97 4.15
C ASN F 37 -23.18 -20.32 5.10
N SER F 38 -23.08 -21.50 5.71
CA SER F 38 -24.13 -22.05 6.54
C SER F 38 -24.19 -21.42 7.93
N THR F 39 -23.23 -20.58 8.30
CA THR F 39 -23.25 -19.96 9.62
C THR F 39 -24.02 -18.63 9.60
N ALA F 40 -23.65 -17.72 8.70
CA ALA F 40 -24.39 -16.47 8.58
C ALA F 40 -25.74 -16.68 7.89
N ARG F 41 -25.83 -17.68 7.01
CA ARG F 41 -27.07 -18.00 6.30
C ARG F 41 -27.60 -16.80 5.52
N ARG F 42 -26.69 -16.08 4.88
CA ARG F 42 -27.05 -14.90 4.11
C ARG F 42 -26.01 -14.66 3.04
N TYR F 43 -26.47 -14.37 1.82
CA TYR F 43 -25.56 -13.97 0.75
C TYR F 43 -25.07 -12.56 1.01
N VAL F 44 -23.77 -12.35 0.88
CA VAL F 44 -23.15 -11.08 1.27
C VAL F 44 -22.23 -10.60 0.15
N PRO F 45 -22.23 -9.31 -0.17
CA PRO F 45 -21.29 -8.80 -1.15
C PRO F 45 -19.87 -8.80 -0.62
N ARG F 46 -18.92 -9.01 -1.53
CA ARG F 46 -17.50 -9.00 -1.19
C ARG F 46 -16.72 -7.94 -1.96
N THR F 47 -17.37 -7.16 -2.81
CA THR F 47 -16.79 -5.98 -3.43
C THR F 47 -17.77 -4.83 -3.29
N GLU F 48 -17.24 -3.61 -3.29
CA GLU F 48 -18.11 -2.44 -3.20
C GLU F 48 -18.97 -2.29 -4.44
N TRP F 49 -18.46 -2.67 -5.62
CA TRP F 49 -19.21 -2.42 -6.84
C TRP F 49 -20.46 -3.29 -6.93
N ILE F 50 -20.44 -4.52 -6.41
CA ILE F 50 -21.63 -5.35 -6.44
C ILE F 50 -22.65 -4.86 -5.42
N ALA F 51 -22.20 -4.34 -4.28
CA ALA F 51 -23.14 -3.79 -3.30
C ALA F 51 -23.75 -2.48 -3.77
N ALA F 52 -23.00 -1.67 -4.51
CA ALA F 52 -23.48 -0.37 -4.96
C ALA F 52 -24.41 -0.45 -6.17
N ASN F 53 -24.58 -1.63 -6.76
CA ASN F 53 -25.42 -1.76 -7.95
C ASN F 53 -26.53 -2.77 -7.77
N THR F 54 -26.85 -3.13 -6.53
CA THR F 54 -27.92 -4.08 -6.23
C THR F 54 -28.78 -3.54 -5.11
N ASP F 55 -30.06 -3.89 -5.16
CA ASP F 55 -31.00 -3.55 -4.10
C ASP F 55 -31.19 -4.75 -3.16
N GLN F 56 -31.96 -4.51 -2.10
CA GLN F 56 -32.16 -5.55 -1.08
C GLN F 56 -32.91 -6.75 -1.65
N GLN F 57 -33.75 -6.53 -2.66
CA GLN F 57 -34.46 -7.64 -3.30
C GLN F 57 -33.47 -8.64 -3.89
N TYR F 58 -32.39 -8.14 -4.50
CA TYR F 58 -31.36 -9.02 -5.05
C TYR F 58 -30.79 -9.94 -3.98
N TRP F 59 -30.35 -9.36 -2.86
CA TRP F 59 -29.74 -10.16 -1.80
C TRP F 59 -30.75 -11.07 -1.13
N ASP F 60 -32.02 -10.66 -1.04
CA ASP F 60 -33.03 -11.53 -0.47
C ASP F 60 -33.24 -12.77 -1.34
N GLY F 61 -33.41 -12.57 -2.64
CA GLY F 61 -33.55 -13.71 -3.53
C GLY F 61 -32.32 -14.61 -3.52
N GLN F 62 -31.14 -14.00 -3.53
CA GLN F 62 -29.91 -14.78 -3.48
C GLN F 62 -29.83 -15.59 -2.19
N THR F 63 -30.20 -14.99 -1.06
CA THR F 63 -30.19 -15.70 0.22
C THR F 63 -31.17 -16.85 0.22
N GLN F 64 -32.34 -16.67 -0.40
CA GLN F 64 -33.27 -17.78 -0.56
C GLN F 64 -32.61 -18.93 -1.31
N ILE F 65 -31.97 -18.61 -2.45
CA ILE F 65 -31.25 -19.62 -3.22
C ILE F 65 -30.19 -20.31 -2.36
N GLY F 66 -29.45 -19.53 -1.58
CA GLY F 66 -28.36 -20.08 -0.79
C GLY F 66 -28.83 -21.03 0.30
N GLN F 67 -29.90 -20.66 1.00
CA GLN F 67 -30.43 -21.53 2.05
C GLN F 67 -31.03 -22.81 1.47
N LEU F 68 -31.77 -22.67 0.36
CA LEU F 68 -32.33 -23.84 -0.30
C LEU F 68 -31.22 -24.77 -0.77
N ASN F 69 -30.12 -24.20 -1.29
CA ASN F 69 -28.98 -24.99 -1.70
C ASN F 69 -28.29 -25.63 -0.51
N GLU F 70 -28.26 -24.93 0.64
CA GLU F 70 -27.69 -25.52 1.84
C GLU F 70 -28.39 -26.81 2.21
N GLN F 71 -29.73 -26.77 2.29
CA GLN F 71 -30.44 -27.99 2.66
C GLN F 71 -30.32 -29.06 1.58
N ILE F 72 -30.44 -28.67 0.30
CA ILE F 72 -30.32 -29.64 -0.78
C ILE F 72 -28.96 -30.31 -0.76
N ASN F 73 -27.90 -29.54 -0.49
CA ASN F 73 -26.56 -30.10 -0.49
C ASN F 73 -26.33 -31.01 0.71
N ARG F 74 -26.92 -30.69 1.87
CA ARG F 74 -26.90 -31.66 2.96
C ARG F 74 -27.54 -32.99 2.54
N GLU F 75 -28.72 -32.91 1.92
CA GLU F 75 -29.39 -34.14 1.49
C GLU F 75 -28.55 -34.90 0.47
N ASN F 76 -27.93 -34.19 -0.47
CA ASN F 76 -27.13 -34.83 -1.51
C ASN F 76 -25.87 -35.44 -0.93
N LEU F 77 -25.25 -34.77 0.05
CA LEU F 77 -24.11 -35.34 0.75
C LEU F 77 -24.48 -36.66 1.42
N GLY F 78 -25.62 -36.68 2.11
CA GLY F 78 -26.07 -37.93 2.72
C GLY F 78 -26.30 -39.03 1.69
N ILE F 79 -26.94 -38.67 0.57
CA ILE F 79 -27.24 -39.67 -0.46
C ILE F 79 -25.94 -40.23 -1.06
N ARG F 80 -24.99 -39.34 -1.37
CA ARG F 80 -23.72 -39.80 -1.93
C ARG F 80 -22.96 -40.67 -0.94
N GLN F 81 -23.04 -40.34 0.35
CA GLN F 81 -22.44 -41.23 1.36
C GLN F 81 -23.12 -42.60 1.35
N ARG F 82 -24.42 -42.64 1.06
CA ARG F 82 -25.14 -43.91 1.09
C ARG F 82 -24.83 -44.79 -0.10
N ARG F 83 -24.64 -44.19 -1.26
CA ARG F 83 -24.34 -45.00 -2.42
C ARG F 83 -22.97 -45.64 -2.34
N TYR F 84 -22.11 -45.19 -1.43
CA TYR F 84 -20.82 -45.81 -1.20
C TYR F 84 -20.80 -46.64 0.08
N ASN F 85 -21.95 -46.86 0.70
CA ASN F 85 -22.06 -47.59 1.97
C ASN F 85 -21.10 -47.00 3.01
N GLN F 86 -21.27 -45.69 3.23
CA GLN F 86 -20.39 -44.93 4.09
C GLN F 86 -21.18 -44.39 5.28
N THR F 87 -20.59 -44.54 6.47
CA THR F 87 -21.26 -44.25 7.73
C THR F 87 -20.81 -42.95 8.37
N GLY F 88 -19.58 -42.51 8.10
CA GLY F 88 -19.05 -41.32 8.75
C GLY F 88 -17.66 -41.03 8.24
N GLY F 89 -17.11 -39.94 8.75
CA GLY F 89 -15.78 -39.53 8.37
C GLY F 89 -15.79 -38.24 7.57
N SER F 90 -14.64 -37.94 6.98
CA SER F 90 -14.46 -36.74 6.18
C SER F 90 -14.93 -37.02 4.75
N HIS F 91 -16.09 -36.48 4.40
CA HIS F 91 -16.63 -36.58 3.06
C HIS F 91 -17.12 -35.21 2.59
N THR F 92 -16.90 -34.91 1.32
CA THR F 92 -17.18 -33.59 0.77
C THR F 92 -17.83 -33.70 -0.59
N VAL F 93 -18.76 -32.78 -0.87
CA VAL F 93 -19.36 -32.62 -2.18
C VAL F 93 -18.96 -31.24 -2.69
N GLN F 94 -18.49 -31.19 -3.94
CA GLN F 94 -18.06 -29.95 -4.55
C GLN F 94 -18.84 -29.71 -5.84
N TRP F 95 -19.18 -28.45 -6.08
CA TRP F 95 -19.86 -28.04 -7.31
C TRP F 95 -19.11 -26.87 -7.92
N MET F 96 -18.99 -26.87 -9.25
CA MET F 96 -18.35 -25.77 -9.97
C MET F 96 -19.09 -25.57 -11.28
N PHE F 97 -19.63 -24.37 -11.48
CA PHE F 97 -20.37 -24.11 -12.71
C PHE F 97 -20.21 -22.65 -13.10
N GLY F 98 -20.64 -22.34 -14.32
CA GLY F 98 -20.61 -20.97 -14.78
C GLY F 98 -20.48 -20.89 -16.28
N CYS F 99 -20.18 -19.66 -16.75
CA CYS F 99 -20.17 -19.34 -18.16
C CYS F 99 -19.04 -18.36 -18.47
N ASP F 100 -18.49 -18.49 -19.68
CA ASP F 100 -17.41 -17.65 -20.17
C ASP F 100 -17.83 -16.99 -21.47
N ILE F 101 -17.60 -15.68 -21.56
CA ILE F 101 -17.68 -14.93 -22.81
C ILE F 101 -16.26 -14.77 -23.32
N LEU F 102 -15.97 -15.39 -24.46
CA LEU F 102 -14.62 -15.47 -24.98
C LEU F 102 -14.31 -14.26 -25.86
N GLU F 103 -13.04 -14.17 -26.30
CA GLU F 103 -12.59 -12.99 -27.01
C GLU F 103 -13.20 -12.87 -28.40
N ASP F 104 -13.69 -13.97 -28.97
CA ASP F 104 -14.40 -13.94 -30.24
C ASP F 104 -15.89 -13.70 -30.08
N GLY F 105 -16.34 -13.42 -28.86
CA GLY F 105 -17.75 -13.18 -28.59
C GLY F 105 -18.59 -14.43 -28.43
N THR F 106 -17.98 -15.61 -28.44
CA THR F 106 -18.73 -16.85 -28.29
C THR F 106 -18.91 -17.18 -26.81
N ILE F 107 -19.80 -18.13 -26.54
CA ILE F 107 -20.18 -18.50 -25.18
C ILE F 107 -19.73 -19.92 -24.88
N ARG F 108 -19.19 -20.12 -23.68
CA ARG F 108 -18.87 -21.44 -23.17
C ARG F 108 -19.55 -21.60 -21.81
N GLY F 109 -19.89 -22.83 -21.46
CA GLY F 109 -20.59 -23.09 -20.22
C GLY F 109 -20.19 -24.42 -19.62
N TYR F 110 -20.24 -24.50 -18.29
CA TYR F 110 -19.84 -25.72 -17.61
C TYR F 110 -20.60 -25.88 -16.31
N ARG F 111 -20.76 -27.15 -15.90
CA ARG F 111 -21.36 -27.48 -14.60
C ARG F 111 -20.92 -28.89 -14.24
N GLN F 112 -19.99 -28.99 -13.30
CA GLN F 112 -19.41 -30.27 -12.89
C GLN F 112 -19.49 -30.40 -11.37
N SER F 113 -19.56 -31.64 -10.91
CA SER F 113 -19.60 -31.94 -9.48
C SER F 113 -18.55 -32.98 -9.16
N ALA F 114 -18.18 -33.03 -7.88
CA ALA F 114 -17.16 -33.95 -7.40
C ALA F 114 -17.53 -34.47 -6.02
N TYR F 115 -17.12 -35.71 -5.76
CA TYR F 115 -17.29 -36.34 -4.45
C TYR F 115 -15.92 -36.78 -3.95
N ASP F 116 -15.53 -36.26 -2.79
CA ASP F 116 -14.26 -36.59 -2.14
C ASP F 116 -13.08 -36.44 -3.11
N GLY F 117 -13.04 -35.30 -3.81
CA GLY F 117 -11.91 -34.94 -4.62
C GLY F 117 -11.91 -35.47 -6.04
N ARG F 118 -12.77 -36.43 -6.37
CA ARG F 118 -12.80 -36.99 -7.71
C ARG F 118 -14.13 -36.65 -8.38
N ASP F 119 -14.12 -36.70 -9.71
CA ASP F 119 -15.32 -36.37 -10.48
C ASP F 119 -16.44 -37.35 -10.14
N PHE F 120 -17.67 -36.82 -10.17
CA PHE F 120 -18.86 -37.60 -9.87
C PHE F 120 -19.88 -37.55 -11.00
N ILE F 121 -20.33 -36.36 -11.38
CA ILE F 121 -21.26 -36.19 -12.49
C ILE F 121 -20.97 -34.83 -13.12
N ALA F 122 -21.32 -34.70 -14.40
CA ALA F 122 -21.06 -33.42 -15.07
C ALA F 122 -22.00 -33.27 -16.26
N LEU F 123 -22.42 -32.03 -16.51
CA LEU F 123 -23.18 -31.72 -17.70
C LEU F 123 -22.27 -31.70 -18.91
N ASP F 124 -22.62 -32.44 -19.94
CA ASP F 124 -21.77 -32.61 -21.11
C ASP F 124 -21.80 -31.36 -22.00
N LYS F 125 -20.90 -31.35 -22.98
CA LYS F 125 -20.68 -30.16 -23.80
C LYS F 125 -21.90 -29.81 -24.64
N ASP F 126 -22.64 -30.82 -25.11
CA ASP F 126 -23.85 -30.53 -25.88
C ASP F 126 -24.99 -30.04 -25.01
N MET F 127 -24.89 -30.23 -23.69
CA MET F 127 -25.84 -29.72 -22.70
C MET F 127 -27.23 -30.35 -22.83
N LYS F 128 -27.29 -31.63 -23.20
CA LYS F 128 -28.54 -32.35 -23.29
C LYS F 128 -28.62 -33.57 -22.39
N THR F 129 -27.49 -34.09 -21.89
CA THR F 129 -27.49 -35.22 -20.98
C THR F 129 -26.50 -34.93 -19.85
N PHE F 130 -26.39 -35.89 -18.93
CA PHE F 130 -25.40 -35.86 -17.87
C PHE F 130 -24.49 -37.08 -17.99
N THR F 131 -23.20 -36.87 -17.78
CA THR F 131 -22.22 -37.95 -17.81
C THR F 131 -21.82 -38.27 -16.38
N ALA F 132 -21.97 -39.55 -16.02
CA ALA F 132 -21.64 -40.03 -14.68
C ALA F 132 -20.24 -40.63 -14.73
N ALA F 133 -19.30 -40.01 -14.01
CA ALA F 133 -17.93 -40.51 -13.99
C ALA F 133 -17.79 -41.80 -13.19
N VAL F 134 -18.71 -42.07 -12.27
CA VAL F 134 -18.68 -43.28 -11.46
C VAL F 134 -20.04 -43.95 -11.51
N PRO F 135 -20.13 -45.27 -11.31
CA PRO F 135 -21.45 -45.93 -11.33
C PRO F 135 -22.42 -45.37 -10.31
N GLU F 136 -21.94 -44.96 -9.14
CA GLU F 136 -22.81 -44.42 -8.10
C GLU F 136 -23.54 -43.16 -8.53
N ALA F 137 -23.16 -42.55 -9.64
CA ALA F 137 -23.84 -41.36 -10.14
C ALA F 137 -24.86 -41.68 -11.23
N VAL F 138 -24.94 -42.93 -11.68
CA VAL F 138 -25.85 -43.32 -12.76
C VAL F 138 -27.30 -43.22 -12.30
N PRO F 139 -27.67 -43.68 -11.08
CA PRO F 139 -29.05 -43.44 -10.62
C PRO F 139 -29.46 -41.98 -10.68
N THR F 140 -28.61 -41.07 -10.20
CA THR F 140 -28.91 -39.65 -10.27
C THR F 140 -29.11 -39.20 -11.71
N LYS F 141 -28.16 -39.54 -12.59
CA LYS F 141 -28.26 -39.14 -13.99
C LYS F 141 -29.64 -39.44 -14.56
N ARG F 142 -30.11 -40.68 -14.39
CA ARG F 142 -31.40 -41.07 -14.94
C ARG F 142 -32.49 -40.12 -14.47
N LYS F 143 -32.60 -39.89 -13.16
CA LYS F 143 -33.66 -39.02 -12.67
C LYS F 143 -33.49 -37.62 -13.24
N TRP F 144 -32.24 -37.13 -13.28
CA TRP F 144 -32.04 -35.78 -13.82
C TRP F 144 -32.36 -35.72 -15.30
N GLU F 145 -32.30 -36.85 -16.00
CA GLU F 145 -32.69 -36.88 -17.40
C GLU F 145 -34.19 -37.12 -17.59
N GLU F 146 -34.89 -37.55 -16.54
CA GLU F 146 -36.34 -37.65 -16.63
C GLU F 146 -37.04 -36.42 -16.06
N GLU F 147 -36.28 -35.53 -15.40
CA GLU F 147 -36.81 -34.31 -14.81
C GLU F 147 -36.56 -33.08 -15.68
N SER F 148 -35.97 -33.26 -16.86
CA SER F 148 -35.57 -32.16 -17.74
C SER F 148 -34.67 -31.17 -17.00
N GLU F 149 -33.62 -31.69 -16.36
CA GLU F 149 -32.60 -30.89 -15.72
C GLU F 149 -31.54 -30.43 -16.72
N PRO F 150 -31.15 -31.24 -17.71
CA PRO F 150 -30.24 -30.72 -18.74
C PRO F 150 -30.77 -29.48 -19.44
N GLU F 151 -32.06 -29.43 -19.77
CA GLU F 151 -32.60 -28.25 -20.44
C GLU F 151 -32.61 -27.04 -19.52
N ARG F 152 -32.95 -27.26 -18.24
CA ARG F 152 -32.93 -26.17 -17.26
C ARG F 152 -31.52 -25.57 -17.15
N TRP F 153 -30.51 -26.44 -16.99
CA TRP F 153 -29.16 -25.91 -16.83
C TRP F 153 -28.60 -25.36 -18.13
N LYS F 154 -29.03 -25.90 -19.27
CA LYS F 154 -28.62 -25.32 -20.56
C LYS F 154 -29.16 -23.91 -20.71
N ASN F 155 -30.43 -23.71 -20.37
CA ASN F 155 -31.01 -22.36 -20.47
C ASN F 155 -30.40 -21.42 -19.45
N TYR F 156 -30.05 -21.92 -18.26
CA TYR F 156 -29.34 -21.06 -17.31
C TYR F 156 -27.98 -20.65 -17.84
N LEU F 157 -27.18 -21.61 -18.30
CA LEU F 157 -25.80 -21.33 -18.69
C LEU F 157 -25.74 -20.47 -19.95
N GLU F 158 -26.60 -20.75 -20.93
CA GLU F 158 -26.54 -20.02 -22.19
C GLU F 158 -27.25 -18.67 -22.16
N GLU F 159 -28.06 -18.39 -21.14
CA GLU F 159 -28.81 -17.14 -21.12
C GLU F 159 -28.61 -16.36 -19.82
N THR F 160 -29.27 -16.81 -18.75
CA THR F 160 -29.23 -16.09 -17.47
C THR F 160 -27.80 -15.80 -17.03
N CYS F 161 -26.94 -16.83 -17.05
CA CYS F 161 -25.55 -16.66 -16.64
C CYS F 161 -24.86 -15.57 -17.45
N VAL F 162 -25.02 -15.59 -18.78
CA VAL F 162 -24.30 -14.65 -19.64
C VAL F 162 -24.79 -13.22 -19.42
N GLU F 163 -26.11 -13.05 -19.31
CA GLU F 163 -26.65 -11.70 -19.15
C GLU F 163 -26.25 -11.12 -17.78
N TRP F 164 -26.29 -11.94 -16.74
CA TRP F 164 -25.84 -11.46 -15.44
C TRP F 164 -24.33 -11.22 -15.43
N LEU F 165 -23.56 -11.99 -16.20
CA LEU F 165 -22.14 -11.71 -16.32
C LEU F 165 -21.89 -10.36 -16.97
N ARG F 166 -22.67 -10.04 -18.00
CA ARG F 166 -22.57 -8.71 -18.62
C ARG F 166 -22.89 -7.61 -17.62
N ARG F 167 -23.95 -7.82 -16.82
CA ARG F 167 -24.29 -6.84 -15.80
C ARG F 167 -23.15 -6.66 -14.80
N TYR F 168 -22.57 -7.77 -14.34
CA TYR F 168 -21.48 -7.70 -13.36
C TYR F 168 -20.27 -6.99 -13.95
N VAL F 169 -19.96 -7.26 -15.22
CA VAL F 169 -18.83 -6.59 -15.87
C VAL F 169 -19.12 -5.10 -15.97
N GLU F 170 -20.39 -4.72 -16.11
CA GLU F 170 -20.75 -3.31 -16.05
C GLU F 170 -20.46 -2.73 -14.66
N TYR F 171 -20.91 -3.43 -13.62
CA TYR F 171 -20.80 -2.89 -12.27
C TYR F 171 -19.34 -2.70 -11.85
N GLY F 172 -18.47 -3.65 -12.21
CA GLY F 172 -17.09 -3.63 -11.75
C GLY F 172 -16.07 -3.27 -12.80
N LYS F 173 -16.49 -2.53 -13.83
CA LYS F 173 -15.62 -2.20 -14.95
C LYS F 173 -14.31 -1.58 -14.48
N ALA F 174 -14.39 -0.55 -13.65
CA ALA F 174 -13.18 0.15 -13.19
C ALA F 174 -12.25 -0.80 -12.42
N GLU F 175 -12.83 -1.65 -11.56
CA GLU F 175 -12.00 -2.53 -10.75
C GLU F 175 -11.43 -3.67 -11.59
N LEU F 176 -12.27 -4.34 -12.37
CA LEU F 176 -11.81 -5.49 -13.14
C LEU F 176 -10.83 -5.08 -14.24
N GLY F 177 -11.03 -3.93 -14.87
CA GLY F 177 -10.18 -3.48 -15.93
C GLY F 177 -8.93 -2.75 -15.52
N ARG F 178 -8.74 -2.53 -14.21
CA ARG F 178 -7.57 -1.79 -13.73
C ARG F 178 -6.29 -2.58 -13.98
N ARG F 179 -5.17 -1.86 -13.96
CA ARG F 179 -3.84 -2.45 -14.08
C ARG F 179 -2.99 -1.95 -12.92
N GLU F 180 -2.35 -2.87 -12.21
CA GLU F 180 -1.45 -2.53 -11.12
C GLU F 180 -0.10 -3.18 -11.39
N ARG F 181 0.95 -2.37 -11.42
CA ARG F 181 2.27 -2.86 -11.77
C ARG F 181 2.90 -3.64 -10.62
N PRO F 182 3.67 -4.67 -10.93
CA PRO F 182 4.35 -5.44 -9.88
C PRO F 182 5.60 -4.74 -9.39
N GLU F 183 5.86 -4.89 -8.10
CA GLU F 183 7.14 -4.50 -7.51
C GLU F 183 8.04 -5.72 -7.50
N VAL F 184 9.17 -5.62 -8.18
CA VAL F 184 10.05 -6.77 -8.37
C VAL F 184 11.21 -6.67 -7.39
N ARG F 185 11.65 -7.83 -6.93
CA ARG F 185 12.65 -7.93 -5.86
C ARG F 185 13.48 -9.17 -6.14
N VAL F 186 14.74 -8.97 -6.52
CA VAL F 186 15.67 -10.05 -6.74
C VAL F 186 16.53 -10.24 -5.48
N TRP F 187 16.79 -11.48 -5.14
CA TRP F 187 17.51 -11.83 -3.92
C TRP F 187 18.45 -12.99 -4.23
N GLY F 188 19.53 -13.07 -3.46
CA GLY F 188 20.48 -14.15 -3.66
C GLY F 188 21.00 -14.69 -2.35
N LYS F 189 21.15 -16.01 -2.25
CA LYS F 189 21.72 -16.59 -1.04
C LYS F 189 22.59 -17.79 -1.39
N GLU F 190 23.55 -18.06 -0.52
CA GLU F 190 24.60 -19.05 -0.74
C GLU F 190 24.43 -20.21 0.23
N ALA F 191 24.61 -21.43 -0.26
CA ALA F 191 24.54 -22.59 0.63
C ALA F 191 25.18 -23.79 -0.03
N ASP F 192 26.01 -24.52 0.72
CA ASP F 192 26.64 -25.75 0.26
C ASP F 192 27.29 -25.58 -1.11
N GLY F 193 27.93 -24.43 -1.32
CA GLY F 193 28.57 -24.14 -2.60
C GLY F 193 27.65 -24.08 -3.79
N ILE F 194 26.43 -23.57 -3.61
CA ILE F 194 25.51 -23.28 -4.71
C ILE F 194 24.83 -21.95 -4.41
N LEU F 195 24.58 -21.17 -5.46
CA LEU F 195 23.99 -19.84 -5.37
C LEU F 195 22.55 -19.90 -5.84
N THR F 196 21.61 -19.71 -4.91
CA THR F 196 20.20 -19.65 -5.25
C THR F 196 19.81 -18.19 -5.49
N LEU F 197 19.42 -17.88 -6.73
CA LEU F 197 18.85 -16.58 -7.08
C LEU F 197 17.34 -16.70 -7.11
N SER F 198 16.66 -15.67 -6.60
CA SER F 198 15.21 -15.64 -6.54
C SER F 198 14.71 -14.31 -7.07
N CYS F 199 13.61 -14.36 -7.82
CA CYS F 199 12.97 -13.17 -8.36
C CYS F 199 11.51 -13.18 -7.94
N ARG F 200 11.10 -12.16 -7.19
CA ARG F 200 9.75 -12.05 -6.65
C ARG F 200 9.04 -10.88 -7.30
N ALA F 201 7.81 -11.11 -7.77
CA ALA F 201 6.94 -10.06 -8.27
C ALA F 201 5.76 -9.93 -7.31
N HIS F 202 5.57 -8.73 -6.76
CA HIS F 202 4.55 -8.44 -5.77
C HIS F 202 3.45 -7.57 -6.37
N GLY F 203 2.20 -7.85 -5.99
CA GLY F 203 1.13 -6.88 -6.17
C GLY F 203 0.79 -6.52 -7.60
N PHE F 204 0.84 -7.48 -8.51
CA PHE F 204 0.45 -7.22 -9.89
C PHE F 204 -1.01 -7.61 -10.10
N TYR F 205 -1.65 -6.93 -11.06
CA TYR F 205 -3.00 -7.20 -11.48
C TYR F 205 -3.11 -6.70 -12.92
N PRO F 206 -3.71 -7.49 -13.83
CA PRO F 206 -4.39 -8.77 -13.58
C PRO F 206 -3.45 -9.95 -13.34
N ARG F 207 -4.04 -11.15 -13.31
CA ARG F 207 -3.33 -12.38 -12.96
C ARG F 207 -2.28 -12.83 -13.98
N PRO F 208 -2.53 -12.76 -15.30
CA PRO F 208 -1.52 -13.29 -16.23
C PRO F 208 -0.21 -12.53 -16.15
N ILE F 209 0.88 -13.30 -16.05
CA ILE F 209 2.22 -12.73 -15.95
C ILE F 209 3.19 -13.82 -16.37
N VAL F 210 4.39 -13.42 -16.81
CA VAL F 210 5.48 -14.36 -17.07
C VAL F 210 6.75 -13.81 -16.46
N VAL F 211 7.40 -14.62 -15.63
CA VAL F 211 8.64 -14.26 -14.95
C VAL F 211 9.70 -15.30 -15.33
N SER F 212 10.70 -14.87 -16.10
CA SER F 212 11.71 -15.76 -16.63
C SER F 212 13.09 -15.39 -16.10
N TRP F 213 13.95 -16.40 -16.00
CA TRP F 213 15.35 -16.22 -15.61
C TRP F 213 16.24 -16.34 -16.85
N LEU F 214 16.97 -15.28 -17.16
CA LEU F 214 17.92 -15.24 -18.27
C LEU F 214 19.33 -15.53 -17.75
N LYS F 215 20.05 -16.40 -18.45
CA LYS F 215 21.49 -16.56 -18.25
C LYS F 215 22.15 -16.25 -19.59
N ASP F 216 23.00 -15.22 -19.61
CA ASP F 216 23.67 -14.76 -20.82
C ASP F 216 22.67 -14.43 -21.92
N GLY F 217 21.54 -13.81 -21.53
CA GLY F 217 20.56 -13.35 -22.48
C GLY F 217 19.56 -14.37 -22.96
N ALA F 218 19.68 -15.63 -22.55
CA ALA F 218 18.84 -16.70 -23.03
C ALA F 218 17.85 -17.14 -21.96
N VAL F 219 16.60 -17.38 -22.38
CA VAL F 219 15.55 -17.79 -21.46
C VAL F 219 15.86 -19.18 -20.91
N ARG F 220 15.85 -19.31 -19.60
CA ARG F 220 16.06 -20.61 -18.96
C ARG F 220 14.78 -21.43 -19.00
N GLY F 221 14.94 -22.75 -19.15
CA GLY F 221 13.80 -23.62 -19.27
C GLY F 221 13.38 -24.35 -17.99
N GLN F 222 13.63 -25.65 -17.94
CA GLN F 222 13.14 -26.49 -16.85
C GLN F 222 13.96 -26.42 -15.58
N ASP F 223 15.02 -25.61 -15.54
CA ASP F 223 15.85 -25.54 -14.36
C ASP F 223 15.36 -24.51 -13.34
N ALA F 224 14.54 -23.56 -13.77
CA ALA F 224 14.02 -22.55 -12.85
C ALA F 224 12.80 -23.11 -12.13
N HIS F 225 12.77 -22.90 -10.81
CA HIS F 225 11.67 -23.36 -9.97
C HIS F 225 10.73 -22.17 -9.70
N SER F 226 9.55 -22.22 -10.30
CA SER F 226 8.53 -21.21 -10.09
C SER F 226 7.56 -21.69 -9.02
N GLY F 227 6.96 -20.73 -8.32
CA GLY F 227 5.95 -21.02 -7.33
C GLY F 227 4.54 -20.87 -7.83
N GLY F 228 4.36 -20.51 -9.09
CA GLY F 228 3.04 -20.22 -9.62
C GLY F 228 2.59 -18.84 -9.22
N ILE F 229 1.38 -18.49 -9.67
CA ILE F 229 0.75 -17.23 -9.33
C ILE F 229 -0.16 -17.47 -8.13
N VAL F 230 0.12 -16.78 -7.03
CA VAL F 230 -0.60 -16.97 -5.78
C VAL F 230 -1.26 -15.65 -5.43
N PRO F 231 -2.33 -15.67 -4.64
CA PRO F 231 -3.06 -14.43 -4.35
C PRO F 231 -2.49 -13.65 -3.18
N ASN F 232 -2.64 -12.33 -3.27
CA ASN F 232 -2.49 -11.46 -2.13
C ASN F 232 -3.85 -11.22 -1.47
N GLY F 233 -3.84 -10.58 -0.31
CA GLY F 233 -5.08 -10.34 0.39
C GLY F 233 -5.94 -9.26 -0.21
N ASP F 234 -5.37 -8.42 -1.08
CA ASP F 234 -6.05 -7.22 -1.58
C ASP F 234 -6.49 -7.37 -3.02
N GLY F 235 -6.60 -8.60 -3.53
CA GLY F 235 -7.00 -8.81 -4.90
C GLY F 235 -5.88 -8.74 -5.92
N THR F 236 -4.64 -8.52 -5.48
CA THR F 236 -3.50 -8.57 -6.38
C THR F 236 -2.85 -9.95 -6.28
N TYR F 237 -1.77 -10.15 -7.04
CA TYR F 237 -1.15 -11.46 -7.14
C TYR F 237 0.36 -11.35 -6.94
N HIS F 238 0.97 -12.51 -6.75
CA HIS F 238 2.37 -12.61 -6.38
C HIS F 238 2.97 -13.86 -7.04
N THR F 239 4.25 -13.77 -7.39
CA THR F 239 4.92 -14.93 -7.96
C THR F 239 6.40 -14.85 -7.65
N TRP F 240 7.07 -16.00 -7.69
CA TRP F 240 8.51 -16.03 -7.44
C TRP F 240 9.13 -17.21 -8.17
N VAL F 241 10.26 -16.96 -8.83
CA VAL F 241 11.00 -17.96 -9.59
C VAL F 241 12.46 -17.95 -9.15
N THR F 242 13.00 -19.13 -8.88
CA THR F 242 14.38 -19.27 -8.44
C THR F 242 15.19 -20.04 -9.48
N ILE F 243 16.50 -19.93 -9.36
CA ILE F 243 17.44 -20.63 -10.24
C ILE F 243 18.74 -20.84 -9.49
N GLU F 244 19.36 -22.00 -9.70
CA GLU F 244 20.60 -22.34 -9.02
C GLU F 244 21.78 -22.13 -9.96
N ALA F 245 22.87 -21.60 -9.41
CA ALA F 245 24.05 -21.25 -10.20
C ALA F 245 25.30 -21.53 -9.38
N GLN F 246 26.45 -21.25 -10.00
CA GLN F 246 27.77 -21.45 -9.42
C GLN F 246 28.08 -20.34 -8.42
N PRO F 247 28.81 -20.65 -7.35
CA PRO F 247 29.31 -19.59 -6.45
C PRO F 247 30.02 -18.49 -7.23
N GLY F 248 29.48 -17.27 -7.16
CA GLY F 248 29.86 -16.24 -8.09
C GLY F 248 28.87 -16.20 -9.24
N ASP F 249 29.36 -16.05 -10.48
CA ASP F 249 28.55 -16.18 -11.69
C ASP F 249 27.25 -15.37 -11.63
N GLY F 250 27.21 -14.31 -10.82
CA GLY F 250 25.97 -13.59 -10.61
C GLY F 250 25.64 -12.61 -11.72
N ASP F 251 26.66 -12.07 -12.39
CA ASP F 251 26.46 -11.10 -13.45
C ASP F 251 25.84 -11.70 -14.70
N LYS F 252 25.77 -13.02 -14.79
CA LYS F 252 25.23 -13.68 -15.98
C LYS F 252 23.71 -13.63 -16.05
N TYR F 253 23.03 -13.54 -14.91
CA TYR F 253 21.59 -13.75 -14.82
C TYR F 253 20.82 -12.44 -14.70
N GLN F 254 19.65 -12.40 -15.33
CA GLN F 254 18.67 -11.34 -15.18
C GLN F 254 17.29 -11.94 -14.96
N CYS F 255 16.42 -11.18 -14.30
CA CYS F 255 15.01 -11.53 -14.18
C CYS F 255 14.21 -10.68 -15.14
N ARG F 256 13.36 -11.32 -15.93
CA ARG F 256 12.52 -10.64 -16.91
C ARG F 256 11.06 -10.83 -16.53
N VAL F 257 10.30 -9.74 -16.53
CA VAL F 257 8.91 -9.72 -16.08
C VAL F 257 8.04 -9.17 -17.20
N GLU F 258 7.06 -9.96 -17.62
CA GLU F 258 6.10 -9.60 -18.66
C GLU F 258 4.71 -9.54 -18.05
N HIS F 259 4.05 -8.39 -18.20
CA HIS F 259 2.73 -8.17 -17.60
C HIS F 259 1.98 -7.15 -18.45
N ALA F 260 0.66 -7.12 -18.27
CA ALA F 260 -0.17 -6.20 -19.04
C ALA F 260 0.04 -4.75 -18.65
N SER F 261 0.52 -4.48 -17.43
CA SER F 261 0.77 -3.12 -16.97
C SER F 261 2.12 -2.59 -17.41
N LEU F 262 2.98 -3.44 -17.96
CA LEU F 262 4.30 -3.03 -18.42
C LEU F 262 4.27 -2.96 -19.94
N PRO F 263 4.40 -1.77 -20.54
CA PRO F 263 4.44 -1.71 -22.01
C PRO F 263 5.56 -2.54 -22.60
N GLN F 264 6.73 -2.56 -21.96
CA GLN F 264 7.83 -3.42 -22.34
C GLN F 264 8.31 -4.18 -21.10
N PRO F 265 8.78 -5.42 -21.27
CA PRO F 265 9.16 -6.24 -20.12
C PRO F 265 10.22 -5.58 -19.25
N GLY F 266 10.09 -5.78 -17.95
CA GLY F 266 11.07 -5.28 -17.01
C GLY F 266 12.23 -6.25 -16.80
N LEU F 267 13.42 -5.68 -16.59
CA LEU F 267 14.64 -6.46 -16.40
C LEU F 267 15.32 -6.04 -15.10
N TYR F 268 15.72 -7.02 -14.31
CA TYR F 268 16.26 -6.76 -12.97
C TYR F 268 17.48 -7.66 -12.74
N SER F 269 18.40 -7.19 -11.90
CA SER F 269 19.66 -7.91 -11.69
C SER F 269 19.99 -7.95 -10.20
N TRP F 270 20.86 -8.91 -9.85
CA TRP F 270 21.29 -9.10 -8.46
C TRP F 270 22.38 -8.09 -8.11
N LYS F 271 22.32 -7.57 -6.87
CA LYS F 271 23.25 -6.52 -6.45
C LYS F 271 23.55 -6.68 -4.95
N LEU F 272 24.51 -7.54 -4.65
CA LEU F 272 25.01 -7.69 -3.28
C LEU F 272 26.08 -6.64 -3.01
N ASP G 1 0.35 -36.06 -4.60
CA ASP G 1 -0.07 -36.13 -3.22
C ASP G 1 -1.18 -35.12 -2.92
N LEU G 2 -1.91 -35.35 -1.82
CA LEU G 2 -2.95 -34.44 -1.36
C LEU G 2 -2.51 -33.65 -0.14
N THR G 3 -1.21 -33.50 0.06
CA THR G 3 -0.68 -32.69 1.15
C THR G 3 -0.73 -31.21 0.79
N PRO G 4 -0.81 -30.32 1.78
CA PRO G 4 -0.83 -28.89 1.48
C PRO G 4 0.52 -28.43 0.93
N LYS G 5 0.46 -27.66 -0.15
CA LYS G 5 1.63 -26.98 -0.69
C LYS G 5 1.60 -25.53 -0.22
N VAL G 6 2.58 -25.15 0.59
CA VAL G 6 2.55 -23.89 1.34
C VAL G 6 3.58 -22.92 0.79
N GLN G 7 3.25 -21.63 0.85
CA GLN G 7 4.14 -20.55 0.45
C GLN G 7 3.94 -19.35 1.36
N VAL G 8 5.03 -18.80 1.87
CA VAL G 8 4.99 -17.64 2.75
C VAL G 8 5.68 -16.48 2.05
N TYR G 9 5.02 -15.33 2.00
CA TYR G 9 5.55 -14.17 1.29
C TYR G 9 4.96 -12.90 1.90
N SER G 10 5.37 -11.76 1.38
CA SER G 10 4.84 -10.47 1.84
C SER G 10 4.15 -9.76 0.69
N ARG G 11 3.13 -8.97 1.03
CA ARG G 11 2.39 -8.24 0.00
C ARG G 11 3.30 -7.29 -0.77
N PHE G 12 4.06 -6.47 -0.07
CA PHE G 12 5.04 -5.62 -0.71
C PHE G 12 6.43 -6.17 -0.47
N PRO G 13 7.40 -5.79 -1.30
CA PRO G 13 8.80 -6.09 -0.97
C PRO G 13 9.15 -5.53 0.40
N ALA G 14 9.56 -6.41 1.29
CA ALA G 14 9.69 -6.05 2.71
C ALA G 14 10.94 -5.22 2.95
N SER G 15 10.78 -4.19 3.76
CA SER G 15 11.89 -3.36 4.23
C SER G 15 11.73 -3.14 5.72
N ALA G 16 12.80 -3.36 6.48
CA ALA G 16 12.75 -3.23 7.93
C ALA G 16 12.26 -1.84 8.34
N GLY G 17 11.14 -1.81 9.09
CA GLY G 17 10.58 -0.58 9.58
C GLY G 17 9.36 -0.08 8.83
N THR G 18 9.07 -0.63 7.64
CA THR G 18 7.95 -0.22 6.83
C THR G 18 6.83 -1.24 6.93
N LYS G 19 5.59 -0.76 7.05
CA LYS G 19 4.45 -1.65 7.20
C LYS G 19 4.27 -2.53 5.96
N ASN G 20 3.72 -3.72 6.18
CA ASN G 20 3.57 -4.71 5.13
C ASN G 20 2.52 -5.72 5.59
N VAL G 21 2.23 -6.70 4.72
CA VAL G 21 1.28 -7.77 5.01
C VAL G 21 1.97 -9.10 4.74
N LEU G 22 1.92 -10.00 5.71
CA LEU G 22 2.47 -11.34 5.57
C LEU G 22 1.36 -12.30 5.14
N ASN G 23 1.58 -13.01 4.04
CA ASN G 23 0.65 -13.96 3.48
C ASN G 23 1.21 -15.38 3.57
N CYS G 24 0.36 -16.31 4.00
CA CYS G 24 0.63 -17.74 3.93
C CYS G 24 -0.46 -18.39 3.09
N PHE G 25 -0.09 -18.97 1.97
CA PHE G 25 -1.02 -19.59 1.04
C PHE G 25 -0.77 -21.08 1.00
N ALA G 26 -1.80 -21.87 1.30
CA ALA G 26 -1.74 -23.32 1.20
C ALA G 26 -2.70 -23.78 0.12
N ALA G 27 -2.21 -24.58 -0.83
CA ALA G 27 -3.00 -24.99 -1.97
C ALA G 27 -2.79 -26.47 -2.27
N GLY G 28 -3.79 -27.05 -2.93
CA GLY G 28 -3.65 -28.41 -3.45
C GLY G 28 -3.87 -29.51 -2.45
N PHE G 29 -4.60 -29.26 -1.38
CA PHE G 29 -4.81 -30.24 -0.33
C PHE G 29 -6.24 -30.76 -0.33
N HIS G 30 -6.45 -31.85 0.41
CA HIS G 30 -7.74 -32.51 0.59
C HIS G 30 -7.57 -33.54 1.71
N PRO G 31 -8.49 -33.59 2.69
CA PRO G 31 -9.75 -32.86 2.86
C PRO G 31 -9.56 -31.37 3.18
N PRO G 32 -10.63 -30.59 3.04
CA PRO G 32 -10.51 -29.12 3.22
C PRO G 32 -10.20 -28.69 4.64
N LYS G 33 -10.43 -29.53 5.65
CA LYS G 33 -10.13 -29.12 7.02
C LYS G 33 -8.62 -28.95 7.18
N ILE G 34 -8.20 -27.75 7.62
CA ILE G 34 -6.79 -27.44 7.70
C ILE G 34 -6.61 -26.34 8.74
N SER G 35 -5.44 -26.30 9.37
CA SER G 35 -5.09 -25.25 10.31
C SER G 35 -3.84 -24.54 9.80
N ILE G 36 -3.92 -23.22 9.67
CA ILE G 36 -2.84 -22.41 9.14
C ILE G 36 -2.68 -21.19 10.05
N THR G 37 -1.53 -21.08 10.70
CA THR G 37 -1.31 -20.03 11.68
C THR G 37 -0.01 -19.29 11.35
N LEU G 38 -0.12 -17.97 11.17
CA LEU G 38 1.07 -17.14 11.03
C LEU G 38 1.67 -16.88 12.40
N MET G 39 2.99 -16.95 12.47
CA MET G 39 3.69 -17.01 13.75
C MET G 39 4.77 -15.93 13.76
N LYS G 40 4.71 -15.04 14.74
CA LYS G 40 5.77 -14.07 15.01
C LYS G 40 6.60 -14.65 16.15
N ASP G 41 7.76 -15.20 15.80
CA ASP G 41 8.70 -15.78 16.77
C ASP G 41 8.06 -16.98 17.47
N GLY G 42 7.44 -17.86 16.68
CA GLY G 42 6.75 -18.99 17.24
C GLY G 42 5.46 -18.66 17.97
N VAL G 43 5.11 -17.38 18.08
CA VAL G 43 3.89 -16.93 18.74
C VAL G 43 2.91 -16.51 17.65
N PRO G 44 1.63 -16.87 17.75
CA PRO G 44 0.67 -16.51 16.69
C PRO G 44 0.56 -15.00 16.53
N MET G 45 0.66 -14.55 15.27
CA MET G 45 0.55 -13.13 14.99
C MET G 45 -0.87 -12.63 15.22
N GLU G 46 -0.98 -11.33 15.48
CA GLU G 46 -2.25 -10.70 15.77
C GLU G 46 -2.83 -10.08 14.50
N GLY G 47 -4.16 -10.01 14.46
CA GLY G 47 -4.84 -9.45 13.30
C GLY G 47 -4.78 -10.32 12.06
N ALA G 48 -4.73 -11.64 12.23
CA ALA G 48 -4.69 -12.56 11.11
C ALA G 48 -6.10 -12.76 10.55
N GLN G 49 -6.22 -12.65 9.23
CA GLN G 49 -7.48 -12.84 8.52
C GLN G 49 -7.36 -14.08 7.63
N TYR G 50 -8.32 -14.98 7.77
CA TYR G 50 -8.40 -16.19 6.97
C TYR G 50 -9.38 -15.95 5.83
N SER G 51 -8.92 -16.11 4.60
CA SER G 51 -9.75 -15.83 3.45
C SER G 51 -10.78 -16.94 3.26
N ASP G 52 -11.75 -16.67 2.38
CA ASP G 52 -12.73 -17.68 2.03
C ASP G 52 -12.03 -18.87 1.37
N MET G 53 -12.57 -20.06 1.61
CA MET G 53 -11.98 -21.27 1.07
C MET G 53 -12.54 -21.54 -0.32
N SER G 54 -11.65 -21.76 -1.28
CA SER G 54 -12.03 -22.08 -2.65
C SER G 54 -11.27 -23.33 -3.08
N PHE G 55 -11.57 -23.80 -4.28
CA PHE G 55 -10.84 -24.92 -4.86
C PHE G 55 -10.59 -24.65 -6.33
N ASN G 56 -9.62 -25.37 -6.88
CA ASN G 56 -9.21 -25.18 -8.26
C ASN G 56 -10.11 -25.99 -9.18
N ASP G 57 -9.75 -26.08 -10.46
CA ASP G 57 -10.50 -26.91 -11.40
C ASP G 57 -10.32 -28.39 -11.12
N ASP G 58 -9.26 -28.79 -10.41
CA ASP G 58 -9.02 -30.17 -10.06
C ASP G 58 -9.58 -30.54 -8.69
N TRP G 59 -10.44 -29.69 -8.12
CA TRP G 59 -11.16 -29.90 -6.87
C TRP G 59 -10.27 -29.84 -5.64
N THR G 60 -9.01 -29.47 -5.78
CA THR G 60 -8.12 -29.32 -4.64
C THR G 60 -8.29 -27.95 -4.00
N PHE G 61 -8.28 -27.90 -2.69
CA PHE G 61 -8.66 -26.71 -1.93
C PHE G 61 -7.48 -25.77 -1.73
N GLN G 62 -7.80 -24.49 -1.53
CA GLN G 62 -6.82 -23.45 -1.24
C GLN G 62 -7.31 -22.61 -0.06
N ARG G 63 -6.35 -22.05 0.67
CA ARG G 63 -6.67 -21.12 1.74
C ARG G 63 -5.51 -20.15 1.91
N LEU G 64 -5.85 -18.88 2.10
CA LEU G 64 -4.86 -17.81 2.27
C LEU G 64 -5.11 -17.13 3.61
N VAL G 65 -4.09 -17.09 4.45
CA VAL G 65 -4.10 -16.30 5.68
C VAL G 65 -3.20 -15.10 5.47
N HIS G 66 -3.59 -13.94 6.01
CA HIS G 66 -2.75 -12.77 5.88
C HIS G 66 -2.86 -11.90 7.13
N ALA G 67 -1.78 -11.19 7.44
CA ALA G 67 -1.76 -10.38 8.65
C ALA G 67 -0.91 -9.14 8.43
N ASP G 68 -1.41 -8.00 8.90
CA ASP G 68 -0.63 -6.77 8.87
C ASP G 68 0.48 -6.84 9.90
N PHE G 69 1.65 -6.32 9.54
CA PHE G 69 2.79 -6.34 10.45
C PHE G 69 3.85 -5.39 9.92
N THR G 70 4.78 -5.02 10.78
CA THR G 70 5.93 -4.24 10.36
C THR G 70 7.15 -5.14 10.34
N PRO G 71 7.62 -5.58 9.17
CA PRO G 71 8.82 -6.42 9.12
C PRO G 71 9.99 -5.72 9.79
N SER G 72 10.61 -6.42 10.73
CA SER G 72 11.76 -5.92 11.45
C SER G 72 12.95 -6.81 11.16
N SER G 73 14.05 -6.20 10.71
CA SER G 73 15.30 -6.93 10.72
C SER G 73 15.60 -7.24 12.18
N GLY G 74 15.72 -8.52 12.50
CA GLY G 74 15.61 -8.94 13.88
C GLY G 74 14.20 -9.39 14.22
N SER G 75 13.57 -10.12 13.30
CA SER G 75 12.26 -10.72 13.54
C SER G 75 12.02 -11.83 12.53
N THR G 76 11.63 -13.01 13.02
CA THR G 76 11.33 -14.15 12.17
C THR G 76 9.83 -14.40 12.11
N TYR G 77 9.32 -14.61 10.89
CA TYR G 77 7.91 -14.88 10.66
C TYR G 77 7.78 -16.23 9.98
N ALA G 78 6.92 -17.09 10.52
CA ALA G 78 6.76 -18.44 10.02
C ALA G 78 5.29 -18.75 9.84
N CYS G 79 5.01 -19.92 9.25
CA CYS G 79 3.65 -20.39 9.06
C CYS G 79 3.57 -21.85 9.48
N LYS G 80 2.67 -22.13 10.42
CA LYS G 80 2.46 -23.48 10.94
C LYS G 80 1.21 -24.07 10.28
N VAL G 81 1.36 -25.25 9.68
CA VAL G 81 0.30 -25.90 8.93
C VAL G 81 0.05 -27.27 9.52
N GLU G 82 -1.21 -27.54 9.86
CA GLU G 82 -1.67 -28.84 10.34
C GLU G 82 -2.75 -29.35 9.39
N HIS G 83 -2.64 -30.62 9.02
CA HIS G 83 -3.57 -31.24 8.08
C HIS G 83 -3.54 -32.74 8.29
N GLU G 84 -4.60 -33.41 7.79
CA GLU G 84 -4.72 -34.86 7.98
C GLU G 84 -3.62 -35.61 7.26
N THR G 85 -3.16 -35.10 6.10
CA THR G 85 -2.15 -35.83 5.33
C THR G 85 -0.79 -35.82 6.02
N LEU G 86 -0.54 -34.81 6.85
CA LEU G 86 0.70 -34.74 7.62
C LEU G 86 0.44 -35.25 9.03
N LYS G 87 1.33 -36.13 9.51
CA LYS G 87 1.20 -36.68 10.85
C LYS G 87 1.86 -35.82 11.91
N GLU G 88 2.34 -34.62 11.54
CA GLU G 88 2.90 -33.66 12.48
C GLU G 88 2.88 -32.30 11.81
N PRO G 89 2.64 -31.22 12.56
CA PRO G 89 2.57 -29.89 11.95
C PRO G 89 3.89 -29.52 11.26
N GLN G 90 3.76 -28.81 10.14
CA GLN G 90 4.92 -28.41 9.34
C GLN G 90 5.05 -26.90 9.38
N VAL G 91 6.29 -26.42 9.56
CA VAL G 91 6.58 -25.00 9.69
C VAL G 91 7.34 -24.53 8.45
N TYR G 92 6.88 -23.44 7.87
CA TYR G 92 7.51 -22.83 6.70
C TYR G 92 7.95 -21.42 7.11
N LYS G 93 9.27 -21.21 7.17
CA LYS G 93 9.79 -19.92 7.55
C LYS G 93 9.80 -18.96 6.36
N TRP G 94 9.73 -17.66 6.66
CA TRP G 94 9.66 -16.62 5.65
C TRP G 94 11.04 -16.01 5.44
N ASP G 95 11.46 -15.96 4.18
CA ASP G 95 12.70 -15.28 3.80
C ASP G 95 12.38 -13.80 3.59
N PRO G 96 12.86 -12.92 4.47
CA PRO G 96 12.40 -11.52 4.43
C PRO G 96 12.72 -10.82 3.12
N GLU G 97 13.98 -10.85 2.68
CA GLU G 97 14.35 -10.17 1.46
C GLU G 97 14.73 -11.17 0.36
N ILE H 1 -25.86 -14.39 -10.99
CA ILE H 1 -26.67 -14.86 -9.87
C ILE H 1 -26.51 -16.35 -9.69
N ASP H 2 -26.59 -16.80 -8.43
CA ASP H 2 -26.58 -18.22 -8.14
C ASP H 2 -27.91 -18.86 -8.55
N TRP H 3 -27.92 -20.19 -8.58
CA TRP H 3 -29.12 -20.94 -8.92
C TRP H 3 -29.13 -22.20 -8.08
N PHE H 4 -30.33 -22.76 -7.89
CA PHE H 4 -30.48 -23.86 -6.96
C PHE H 4 -30.12 -25.21 -7.60
N ASP H 5 -29.47 -26.06 -6.82
CA ASP H 5 -29.03 -27.37 -7.31
C ASP H 5 -30.22 -28.33 -7.38
N GLY H 6 -30.00 -29.43 -8.10
CA GLY H 6 -31.00 -30.47 -8.18
C GLY H 6 -30.87 -31.49 -7.06
N LYS H 7 -31.98 -32.16 -6.76
CA LYS H 7 -32.01 -33.17 -5.72
C LYS H 7 -31.48 -34.49 -6.25
N GLU H 8 -30.63 -35.15 -5.47
CA GLU H 8 -30.01 -36.40 -5.91
C GLU H 8 -30.74 -37.61 -5.32
N THR I 6 23.76 -34.45 -32.20
CA THR I 6 22.47 -34.34 -31.55
C THR I 6 22.40 -35.32 -30.37
N MET I 7 21.23 -35.92 -30.13
CA MET I 7 21.04 -36.77 -28.96
C MET I 7 20.18 -37.97 -29.32
N GLU I 8 20.63 -39.16 -28.93
CA GLU I 8 19.77 -40.34 -28.88
C GLU I 8 20.03 -41.11 -27.58
N ALA I 9 19.14 -42.07 -27.32
CA ALA I 9 19.09 -42.82 -26.06
C ALA I 9 18.75 -44.28 -26.34
N ARG I 10 19.73 -45.15 -26.13
CA ARG I 10 19.67 -46.58 -26.43
C ARG I 10 19.81 -47.39 -25.13
N PHE I 11 19.77 -48.72 -25.28
CA PHE I 11 20.12 -49.63 -24.19
C PHE I 11 21.57 -49.45 -23.73
N LEU I 12 21.79 -49.71 -22.44
CA LEU I 12 23.15 -49.77 -21.91
C LEU I 12 23.98 -50.83 -22.61
N ASN I 13 23.48 -52.06 -22.63
CA ASN I 13 24.15 -53.18 -23.28
C ASN I 13 23.85 -53.14 -24.78
N ARG I 14 24.87 -52.92 -25.61
CA ARG I 14 24.64 -52.72 -27.03
C ARG I 14 24.39 -54.00 -27.81
N ASN I 15 24.66 -55.17 -27.23
CA ASN I 15 24.31 -56.44 -27.85
C ASN I 15 22.89 -56.87 -27.52
N MET I 16 22.30 -56.28 -26.48
CA MET I 16 21.02 -56.71 -25.93
C MET I 16 19.87 -56.22 -26.79
N LYS I 17 19.00 -57.16 -27.19
CA LYS I 17 17.88 -56.85 -28.07
C LYS I 17 16.58 -56.50 -27.34
N HIS I 18 16.23 -57.23 -26.29
CA HIS I 18 14.95 -56.99 -25.64
C HIS I 18 15.07 -57.04 -24.13
N PRO I 19 14.27 -56.24 -23.43
CA PRO I 19 14.28 -56.29 -21.96
C PRO I 19 13.53 -57.50 -21.46
N GLN I 20 14.01 -58.02 -20.34
CA GLN I 20 13.45 -59.21 -19.71
C GLN I 20 12.55 -58.82 -18.56
N GLU I 21 11.52 -59.63 -18.33
CA GLU I 21 10.56 -59.35 -17.28
C GLU I 21 11.15 -59.74 -15.94
N GLY I 22 10.94 -58.88 -14.94
CA GLY I 22 11.42 -59.13 -13.60
C GLY I 22 12.83 -58.63 -13.32
N GLN I 23 13.56 -58.16 -14.33
CA GLN I 23 14.93 -57.73 -14.16
C GLN I 23 15.05 -56.22 -14.30
N PRO I 24 16.14 -55.62 -13.83
CA PRO I 24 16.32 -54.17 -14.01
C PRO I 24 16.64 -53.84 -15.46
N LEU I 25 16.33 -52.60 -15.86
CA LEU I 25 16.61 -52.13 -17.21
C LEU I 25 17.01 -50.67 -17.16
N GLU I 26 18.26 -50.36 -17.51
CA GLU I 26 18.73 -48.98 -17.53
C GLU I 26 19.09 -48.57 -18.95
N LEU I 27 18.52 -47.46 -19.39
CA LEU I 27 18.71 -46.87 -20.70
C LEU I 27 19.57 -45.62 -20.57
N GLU I 28 20.54 -45.49 -21.45
CA GLU I 28 21.48 -44.39 -21.52
C GLU I 28 21.10 -43.43 -22.63
N CYS I 29 21.45 -42.16 -22.43
CA CYS I 29 21.04 -41.07 -23.30
C CYS I 29 22.17 -40.06 -23.38
N MET I 30 22.75 -39.89 -24.58
CA MET I 30 23.82 -38.92 -24.69
C MET I 30 23.28 -37.62 -25.27
N PRO I 31 23.15 -36.56 -24.48
CA PRO I 31 22.57 -35.31 -24.97
C PRO I 31 23.54 -34.35 -25.64
N PHE I 32 22.98 -33.56 -26.55
CA PHE I 32 23.75 -32.52 -27.23
C PHE I 32 24.18 -31.42 -26.27
N ASN I 33 23.37 -31.17 -25.24
CA ASN I 33 23.69 -30.23 -24.16
C ASN I 33 23.66 -30.99 -22.85
N ILE I 34 24.70 -30.82 -22.03
CA ILE I 34 24.77 -31.50 -20.75
C ILE I 34 24.65 -30.54 -19.57
N ASP I 35 24.82 -29.24 -19.79
CA ASP I 35 24.63 -28.26 -18.71
C ASP I 35 23.18 -28.16 -18.26
N ASN I 36 22.23 -28.73 -19.01
CA ASN I 36 20.83 -28.79 -18.62
C ASN I 36 20.41 -30.25 -18.49
N GLY I 37 19.44 -30.50 -17.62
CA GLY I 37 18.97 -31.84 -17.39
C GLY I 37 18.15 -32.35 -18.58
N VAL I 38 17.69 -33.60 -18.44
CA VAL I 38 16.84 -34.21 -19.46
C VAL I 38 15.70 -34.93 -18.78
N SER I 39 14.65 -35.19 -19.54
CA SER I 39 13.51 -35.94 -19.05
C SER I 39 13.33 -37.21 -19.86
N TRP I 40 13.07 -38.30 -19.15
CA TRP I 40 12.75 -39.58 -19.76
C TRP I 40 11.24 -39.70 -19.84
N ILE I 41 10.76 -40.07 -21.02
CA ILE I 41 9.34 -40.21 -21.36
C ILE I 41 9.15 -41.60 -21.97
N ARG I 42 7.94 -42.14 -21.84
CA ARG I 42 7.63 -43.47 -22.37
C ARG I 42 6.33 -43.40 -23.16
N GLN I 43 6.39 -43.81 -24.44
CA GLN I 43 5.23 -43.91 -25.31
C GLN I 43 4.80 -45.37 -25.44
N ASP I 44 3.49 -45.63 -25.35
CA ASP I 44 3.05 -47.00 -25.63
C ASP I 44 2.84 -47.16 -27.13
N LYS I 45 2.18 -48.24 -27.50
CA LYS I 45 1.80 -48.44 -28.88
C LYS I 45 0.51 -47.70 -29.21
N ASP I 46 -0.26 -47.32 -28.19
CA ASP I 46 -1.42 -46.45 -28.42
C ASP I 46 -1.01 -45.07 -28.88
N GLY I 47 0.25 -44.69 -28.61
CA GLY I 47 0.72 -43.35 -28.81
C GLY I 47 0.66 -42.47 -27.58
N LYS I 48 0.11 -42.98 -26.46
CA LYS I 48 0.12 -42.20 -25.23
C LYS I 48 1.54 -42.00 -24.72
N LEU I 49 1.80 -40.79 -24.21
CA LEU I 49 3.12 -40.36 -23.76
C LEU I 49 3.09 -40.18 -22.25
N HIS I 50 4.07 -40.78 -21.56
CA HIS I 50 4.14 -40.73 -20.11
C HIS I 50 5.42 -40.05 -19.66
N PHE I 51 5.27 -39.07 -18.80
CA PHE I 51 6.45 -38.53 -18.18
C PHE I 51 6.96 -39.54 -17.17
N ILE I 52 8.24 -39.86 -17.26
CA ILE I 52 8.86 -40.85 -16.39
C ILE I 52 9.65 -40.10 -15.33
N VAL I 53 10.60 -39.27 -15.77
CA VAL I 53 11.48 -38.59 -14.81
C VAL I 53 12.10 -37.37 -15.45
N TYR I 54 12.36 -36.34 -14.62
CA TYR I 54 13.28 -35.29 -15.01
C TYR I 54 14.53 -35.38 -14.15
N ILE I 55 15.69 -35.45 -14.77
CA ILE I 55 16.98 -35.45 -14.09
C ILE I 55 17.63 -34.10 -14.33
N SER I 56 17.98 -33.43 -13.25
CA SER I 56 18.59 -32.11 -13.30
C SER I 56 20.09 -32.23 -13.52
N PRO I 57 20.75 -31.14 -13.93
CA PRO I 57 22.21 -31.21 -14.11
C PRO I 57 22.96 -31.59 -12.85
N LEU I 58 22.42 -31.29 -11.67
CA LEU I 58 23.02 -31.69 -10.40
C LEU I 58 22.60 -33.08 -9.96
N SER I 59 21.91 -33.83 -10.83
CA SER I 59 21.48 -35.21 -10.64
C SER I 59 20.32 -35.37 -9.66
N ARG I 60 19.66 -34.28 -9.25
CA ARG I 60 18.54 -34.36 -8.33
C ARG I 60 17.26 -34.57 -9.14
N THR I 61 16.59 -35.69 -8.90
CA THR I 61 15.51 -36.18 -9.75
C THR I 61 14.13 -35.73 -9.30
N ALA I 62 13.26 -35.46 -10.27
CA ALA I 62 11.87 -35.05 -10.05
C ALA I 62 10.93 -36.00 -10.79
N PHE I 63 10.06 -36.66 -10.05
CA PHE I 63 9.15 -37.70 -10.52
C PHE I 63 7.70 -37.22 -10.55
N PRO I 64 6.79 -37.95 -11.21
CA PRO I 64 5.39 -37.50 -11.33
C PRO I 64 4.75 -37.26 -9.97
N ARG I 65 3.58 -36.63 -10.02
CA ARG I 65 2.95 -36.04 -8.82
C ARG I 65 3.93 -35.01 -8.26
N ASN I 66 4.01 -34.86 -6.95
CA ASN I 66 5.03 -34.03 -6.32
C ASN I 66 5.91 -34.90 -5.42
N GLU I 67 6.79 -35.68 -6.03
CA GLU I 67 7.63 -36.61 -5.30
C GLU I 67 9.03 -36.64 -5.89
N ARG I 68 10.04 -36.57 -5.03
CA ARG I 68 11.41 -36.80 -5.48
C ARG I 68 11.89 -38.21 -5.18
N THR I 69 11.10 -39.02 -4.48
CA THR I 69 11.42 -40.41 -4.23
C THR I 69 10.73 -41.28 -5.28
N SER I 70 11.52 -42.05 -6.01
CA SER I 70 10.95 -43.05 -6.91
C SER I 70 10.39 -44.24 -6.15
N SER I 71 9.26 -44.75 -6.62
CA SER I 71 8.81 -46.06 -6.16
C SER I 71 9.41 -47.18 -6.98
N GLN I 72 9.57 -46.96 -8.29
CA GLN I 72 9.99 -47.94 -9.29
C GLN I 72 11.31 -47.60 -9.98
N PHE I 73 11.50 -46.35 -10.39
CA PHE I 73 12.54 -45.94 -11.33
C PHE I 73 13.74 -45.33 -10.59
N GLU I 74 14.82 -45.13 -11.33
CA GLU I 74 15.98 -44.40 -10.82
C GLU I 74 16.55 -43.53 -11.94
N GLY I 75 16.67 -42.24 -11.70
CA GLY I 75 17.28 -41.31 -12.64
C GLY I 75 18.65 -40.87 -12.17
N SER I 76 19.60 -40.77 -13.10
CA SER I 76 20.93 -40.33 -12.72
C SER I 76 21.63 -39.68 -13.90
N LYS I 77 22.72 -38.97 -13.58
CA LYS I 77 23.62 -38.39 -14.57
C LYS I 77 25.00 -38.98 -14.30
N GLN I 78 25.68 -39.43 -15.35
CA GLN I 78 26.96 -40.09 -15.17
C GLN I 78 27.86 -39.78 -16.35
N GLY I 79 28.98 -39.12 -16.06
CA GLY I 79 29.88 -38.66 -17.10
C GLY I 79 29.15 -37.69 -18.01
N SER I 80 29.06 -38.03 -19.30
CA SER I 80 28.32 -37.22 -20.26
C SER I 80 27.05 -37.90 -20.73
N SER I 81 26.47 -38.76 -19.89
CA SER I 81 25.29 -39.54 -20.30
C SER I 81 24.28 -39.59 -19.17
N PHE I 82 23.02 -39.34 -19.49
CA PHE I 82 21.94 -39.49 -18.52
C PHE I 82 21.38 -40.91 -18.58
N ARG I 83 20.95 -41.43 -17.44
CA ARG I 83 20.59 -42.83 -17.30
C ARG I 83 19.26 -42.95 -16.57
N LEU I 84 18.35 -43.76 -17.14
CA LEU I 84 17.07 -44.09 -16.51
C LEU I 84 16.97 -45.59 -16.31
N VAL I 85 16.77 -46.01 -15.07
CA VAL I 85 16.65 -47.41 -14.74
C VAL I 85 15.22 -47.67 -14.28
N VAL I 86 14.68 -48.81 -14.72
CA VAL I 86 13.44 -49.37 -14.22
C VAL I 86 13.90 -50.53 -13.35
N LYS I 87 13.71 -50.40 -12.03
CA LYS I 87 14.17 -51.45 -11.10
C LYS I 87 13.65 -52.82 -11.49
N ASN I 88 12.35 -52.94 -11.69
CA ASN I 88 11.75 -54.22 -12.03
C ASN I 88 10.93 -53.98 -13.29
N PHE I 89 11.45 -54.39 -14.44
CA PHE I 89 10.72 -54.23 -15.69
C PHE I 89 9.57 -55.21 -15.78
N ARG I 90 8.36 -54.69 -15.90
CA ARG I 90 7.14 -55.48 -15.98
C ARG I 90 6.49 -55.27 -17.34
N ALA I 91 5.31 -55.85 -17.50
CA ALA I 91 4.56 -55.70 -18.74
C ALA I 91 4.02 -54.29 -18.90
N GLN I 92 3.74 -53.59 -17.80
CA GLN I 92 3.24 -52.23 -17.86
C GLN I 92 4.33 -51.21 -18.17
N ASP I 93 5.60 -51.61 -18.17
CA ASP I 93 6.71 -50.76 -18.54
C ASP I 93 7.13 -50.90 -20.01
N GLN I 94 6.40 -51.70 -20.80
CA GLN I 94 6.75 -51.85 -22.21
C GLN I 94 6.40 -50.58 -22.99
N GLY I 95 7.26 -50.22 -23.91
CA GLY I 95 7.03 -49.03 -24.71
C GLY I 95 8.32 -48.51 -25.33
N THR I 96 8.18 -47.39 -26.02
CA THR I 96 9.28 -46.70 -26.68
C THR I 96 9.73 -45.55 -25.77
N TYR I 97 11.00 -45.57 -25.39
CA TYR I 97 11.53 -44.61 -24.43
C TYR I 97 12.21 -43.46 -25.16
N PHE I 98 11.90 -42.24 -24.73
CA PHE I 98 12.41 -41.01 -25.32
C PHE I 98 13.17 -40.20 -24.29
N CYS I 99 14.22 -39.51 -24.76
CA CYS I 99 14.93 -38.48 -24.01
C CYS I 99 14.51 -37.12 -24.54
N ILE I 100 14.19 -36.19 -23.65
CA ILE I 100 13.76 -34.83 -24.02
C ILE I 100 14.62 -33.81 -23.29
N ALA I 101 15.21 -32.89 -24.05
CA ALA I 101 15.98 -31.78 -23.50
C ALA I 101 15.27 -30.46 -23.80
N ASN I 102 15.08 -29.63 -22.77
CA ASN I 102 14.40 -28.34 -22.91
C ASN I 102 15.40 -27.22 -22.66
N ILE I 103 15.94 -26.67 -23.74
CA ILE I 103 16.91 -25.58 -23.71
C ILE I 103 16.30 -24.36 -24.38
N ASN I 104 16.27 -23.23 -23.66
CA ASN I 104 15.75 -21.96 -24.16
C ASN I 104 14.36 -22.10 -24.78
N GLN I 105 13.43 -22.63 -23.98
CA GLN I 105 12.05 -22.86 -24.40
C GLN I 105 11.96 -23.80 -25.61
N MET I 106 13.03 -24.52 -25.91
CA MET I 106 13.15 -25.35 -27.10
C MET I 106 13.19 -26.81 -26.68
N LEU I 107 12.44 -27.65 -27.37
CA LEU I 107 12.40 -29.07 -27.07
C LEU I 107 13.20 -29.86 -28.11
N TYR I 108 14.03 -30.77 -27.62
CA TYR I 108 14.82 -31.64 -28.48
C TYR I 108 14.57 -33.08 -28.05
N PHE I 109 14.24 -33.93 -29.01
CA PHE I 109 13.84 -35.30 -28.73
C PHE I 109 14.87 -36.28 -29.26
N SER I 110 15.19 -37.28 -28.45
CA SER I 110 15.98 -38.40 -28.94
C SER I 110 15.08 -39.37 -29.71
N SER I 111 15.71 -40.17 -30.55
CA SER I 111 14.98 -41.25 -31.21
C SER I 111 14.58 -42.28 -30.18
N GLY I 112 13.34 -42.74 -30.25
CA GLY I 112 12.85 -43.66 -29.25
C GLY I 112 13.55 -45.01 -29.33
N GLN I 113 13.65 -45.66 -28.18
CA GLN I 113 14.20 -47.00 -28.10
C GLN I 113 13.10 -47.95 -27.69
N PRO I 114 12.79 -48.98 -28.48
CA PRO I 114 11.70 -49.90 -28.12
C PRO I 114 12.14 -50.89 -27.06
N ALA I 115 11.42 -50.91 -25.95
CA ALA I 115 11.60 -51.91 -24.89
C ALA I 115 10.32 -52.73 -24.89
N PHE I 116 10.39 -53.89 -25.54
CA PHE I 116 9.26 -54.79 -25.69
C PHE I 116 9.74 -56.22 -25.54
N PHE I 117 8.84 -57.06 -25.06
CA PHE I 117 9.11 -58.47 -24.77
C PHE I 117 9.29 -59.29 -26.04
N THR J 6 -5.96 -33.97 -16.61
CA THR J 6 -5.29 -34.11 -17.89
C THR J 6 -5.85 -33.14 -18.92
N MET J 7 -5.42 -33.32 -20.16
CA MET J 7 -5.70 -32.37 -21.23
C MET J 7 -5.83 -33.12 -22.55
N GLU J 8 -6.81 -32.73 -23.37
CA GLU J 8 -6.94 -33.26 -24.72
C GLU J 8 -6.63 -32.20 -25.76
N ALA J 9 -6.53 -32.66 -27.01
CA ALA J 9 -6.15 -31.81 -28.14
C ALA J 9 -7.00 -32.25 -29.32
N ARG J 10 -7.99 -31.43 -29.68
CA ARG J 10 -8.93 -31.77 -30.74
C ARG J 10 -8.82 -30.78 -31.88
N PHE J 11 -9.60 -31.06 -32.93
CA PHE J 11 -9.97 -30.03 -33.88
C PHE J 11 -10.91 -29.05 -33.17
N LEU J 12 -10.87 -27.79 -33.57
CA LEU J 12 -11.91 -26.87 -33.10
C LEU J 12 -13.27 -27.36 -33.56
N ASN J 13 -13.37 -27.74 -34.83
CA ASN J 13 -14.59 -28.34 -35.37
C ASN J 13 -14.67 -29.79 -34.88
N ARG J 14 -15.61 -30.07 -33.98
CA ARG J 14 -15.71 -31.38 -33.36
C ARG J 14 -16.41 -32.43 -34.22
N ASN J 15 -17.02 -32.03 -35.34
CA ASN J 15 -17.58 -33.01 -36.27
C ASN J 15 -16.54 -33.53 -37.23
N MET J 16 -15.42 -32.84 -37.38
CA MET J 16 -14.49 -33.09 -38.47
C MET J 16 -13.72 -34.38 -38.22
N LYS J 17 -13.78 -35.29 -39.20
CA LYS J 17 -13.09 -36.55 -39.07
C LYS J 17 -11.69 -36.48 -39.67
N HIS J 18 -11.56 -35.80 -40.82
CA HIS J 18 -10.29 -35.68 -41.50
C HIS J 18 -10.10 -34.26 -42.02
N PRO J 19 -8.86 -33.76 -42.00
CA PRO J 19 -8.58 -32.42 -42.51
C PRO J 19 -8.51 -32.37 -44.03
N GLN J 20 -8.84 -31.19 -44.55
CA GLN J 20 -8.90 -30.93 -45.98
C GLN J 20 -7.60 -30.28 -46.44
N GLU J 21 -7.21 -30.57 -47.68
CA GLU J 21 -5.96 -30.06 -48.23
C GLU J 21 -6.10 -28.62 -48.68
N GLY J 22 -5.09 -27.80 -48.35
CA GLY J 22 -5.05 -26.44 -48.82
C GLY J 22 -5.88 -25.46 -48.02
N GLN J 23 -6.65 -25.93 -47.05
CA GLN J 23 -7.61 -25.11 -46.33
C GLN J 23 -7.13 -24.83 -44.92
N PRO J 24 -7.71 -23.84 -44.23
CA PRO J 24 -7.33 -23.61 -42.84
C PRO J 24 -7.80 -24.73 -41.94
N LEU J 25 -7.09 -24.92 -40.83
CA LEU J 25 -7.39 -25.97 -39.86
C LEU J 25 -7.11 -25.42 -38.47
N GLU J 26 -8.10 -25.53 -37.58
CA GLU J 26 -7.96 -24.99 -36.23
C GLU J 26 -7.85 -26.14 -35.24
N LEU J 27 -6.79 -26.15 -34.45
CA LEU J 27 -6.55 -27.16 -33.43
C LEU J 27 -6.69 -26.51 -32.05
N GLU J 28 -7.51 -27.13 -31.21
CA GLU J 28 -7.83 -26.65 -29.88
C GLU J 28 -7.11 -27.51 -28.83
N CYS J 29 -6.68 -26.87 -27.74
CA CYS J 29 -5.94 -27.54 -26.67
C CYS J 29 -6.29 -26.86 -25.36
N MET J 30 -7.05 -27.55 -24.51
CA MET J 30 -7.41 -27.00 -23.21
C MET J 30 -6.54 -27.64 -22.14
N PRO J 31 -5.54 -26.96 -21.59
CA PRO J 31 -4.73 -27.55 -20.52
C PRO J 31 -5.35 -27.33 -19.16
N PHE J 32 -5.08 -28.28 -18.26
CA PHE J 32 -5.61 -28.18 -16.90
C PHE J 32 -5.01 -27.00 -16.15
N ASN J 33 -3.77 -26.63 -16.45
CA ASN J 33 -3.15 -25.43 -15.90
C ASN J 33 -2.78 -24.51 -17.05
N ILE J 34 -3.20 -23.25 -16.95
CA ILE J 34 -2.92 -22.26 -17.98
C ILE J 34 -1.98 -21.16 -17.50
N ASP J 35 -1.68 -21.11 -16.19
CA ASP J 35 -0.71 -20.14 -15.69
C ASP J 35 0.67 -20.33 -16.30
N ASN J 36 0.90 -21.47 -16.95
CA ASN J 36 2.10 -21.73 -17.72
C ASN J 36 1.70 -22.02 -19.16
N GLY J 37 2.60 -21.73 -20.09
CA GLY J 37 2.33 -21.92 -21.50
C GLY J 37 2.30 -23.38 -21.88
N VAL J 38 2.12 -23.62 -23.18
CA VAL J 38 2.10 -24.97 -23.75
C VAL J 38 2.97 -24.99 -25.00
N SER J 39 3.39 -26.19 -25.38
CA SER J 39 4.16 -26.42 -26.59
C SER J 39 3.41 -27.38 -27.50
N TRP J 40 3.41 -27.08 -28.79
CA TRP J 40 2.82 -27.95 -29.79
C TRP J 40 3.90 -28.81 -30.42
N ILE J 41 3.65 -30.12 -30.52
CA ILE J 41 4.59 -31.03 -31.16
C ILE J 41 3.84 -31.86 -32.19
N ARG J 42 4.57 -32.32 -33.21
CA ARG J 42 3.99 -33.06 -34.32
C ARG J 42 4.79 -34.33 -34.57
N GLN J 43 4.12 -35.48 -34.54
CA GLN J 43 4.72 -36.78 -34.86
C GLN J 43 4.27 -37.26 -36.24
N ASP J 44 5.26 -37.67 -37.03
CA ASP J 44 5.10 -38.16 -38.42
C ASP J 44 4.87 -39.67 -38.38
N LYS J 45 4.79 -40.30 -39.55
CA LYS J 45 4.59 -41.77 -39.54
C LYS J 45 5.85 -42.41 -38.94
N ASP J 46 7.02 -41.83 -39.24
CA ASP J 46 8.30 -42.35 -38.78
C ASP J 46 8.41 -42.44 -37.26
N GLY J 47 7.62 -41.68 -36.51
CA GLY J 47 7.86 -41.56 -35.09
C GLY J 47 8.61 -40.30 -34.71
N LYS J 48 8.91 -39.46 -35.71
CA LYS J 48 9.61 -38.20 -35.51
C LYS J 48 8.84 -37.25 -34.61
N LEU J 49 9.56 -36.51 -33.76
CA LEU J 49 8.98 -35.53 -32.85
C LEU J 49 9.47 -34.12 -33.19
N HIS J 50 8.56 -33.20 -33.37
CA HIS J 50 8.86 -31.83 -33.76
C HIS J 50 8.27 -30.79 -32.82
N PHE J 51 9.13 -29.89 -32.34
CA PHE J 51 8.61 -28.75 -31.63
C PHE J 51 8.03 -27.79 -32.66
N ILE J 52 6.79 -27.36 -32.43
CA ILE J 52 6.10 -26.50 -33.38
C ILE J 52 6.16 -25.06 -32.91
N VAL J 53 5.61 -24.80 -31.72
CA VAL J 53 5.57 -23.45 -31.16
C VAL J 53 5.32 -23.57 -29.67
N TYR J 54 5.85 -22.62 -28.91
CA TYR J 54 5.50 -22.45 -27.50
C TYR J 54 4.65 -21.20 -27.35
N ILE J 55 3.47 -21.36 -26.75
CA ILE J 55 2.57 -20.25 -26.47
C ILE J 55 2.59 -19.98 -24.98
N SER J 56 2.90 -18.74 -24.61
CA SER J 56 2.98 -18.26 -23.24
C SER J 56 1.61 -17.83 -22.74
N PRO J 57 1.43 -17.70 -21.42
CA PRO J 57 0.13 -17.23 -20.92
C PRO J 57 -0.27 -15.85 -21.41
N LEU J 58 0.69 -14.98 -21.72
CA LEU J 58 0.39 -13.68 -22.30
C LEU J 58 0.24 -13.73 -23.81
N SER J 59 0.17 -14.93 -24.39
CA SER J 59 0.01 -15.16 -25.82
C SER J 59 1.29 -14.87 -26.59
N ARG J 60 2.43 -14.78 -25.90
CA ARG J 60 3.70 -14.53 -26.55
C ARG J 60 4.20 -15.84 -27.13
N THR J 61 4.29 -15.93 -28.45
CA THR J 61 4.67 -17.17 -29.07
C THR J 61 6.18 -17.17 -29.31
N ALA J 62 6.78 -18.33 -29.11
CA ALA J 62 8.20 -18.56 -29.34
C ALA J 62 8.30 -19.68 -30.35
N PHE J 63 8.89 -19.39 -31.47
CA PHE J 63 8.93 -20.37 -32.54
C PHE J 63 10.31 -21.02 -32.55
N PRO J 64 10.46 -22.17 -33.21
CA PRO J 64 11.74 -22.86 -33.20
C PRO J 64 12.85 -22.00 -33.79
N ARG J 65 14.09 -22.41 -33.54
CA ARG J 65 15.19 -21.59 -34.12
C ARG J 65 15.29 -21.89 -35.62
N ASN J 66 14.05 -21.64 -36.17
CA ASN J 66 13.72 -21.73 -37.61
C ASN J 66 12.76 -20.57 -37.86
N GLU J 67 12.01 -20.23 -36.95
CA GLU J 67 11.09 -19.10 -37.04
C GLU J 67 10.32 -19.08 -38.36
N ARG J 68 10.25 -20.20 -39.06
CA ARG J 68 9.47 -20.29 -40.29
C ARG J 68 8.03 -20.68 -40.03
N THR J 69 7.69 -20.93 -38.77
CA THR J 69 6.34 -21.29 -38.43
C THR J 69 5.46 -20.06 -38.30
N SER J 70 6.06 -18.87 -38.24
CA SER J 70 5.31 -17.64 -38.41
C SER J 70 4.85 -17.46 -39.86
N SER J 71 5.45 -18.23 -40.78
CA SER J 71 4.99 -18.28 -42.16
C SER J 71 3.83 -19.26 -42.36
N GLN J 72 3.78 -20.34 -41.57
CA GLN J 72 2.82 -21.41 -41.81
C GLN J 72 1.74 -21.49 -40.75
N PHE J 73 2.11 -21.57 -39.48
CA PHE J 73 1.18 -21.80 -38.39
C PHE J 73 1.01 -20.53 -37.55
N GLU J 74 -0.04 -20.52 -36.71
CA GLU J 74 -0.23 -19.42 -35.78
C GLU J 74 -0.69 -19.97 -34.44
N GLY J 75 0.00 -19.57 -33.37
CA GLY J 75 -0.38 -19.94 -32.02
C GLY J 75 -1.05 -18.77 -31.33
N SER J 76 -2.11 -19.07 -30.60
CA SER J 76 -2.88 -18.03 -29.93
C SER J 76 -3.56 -18.62 -28.69
N LYS J 77 -4.11 -17.74 -27.86
CA LYS J 77 -4.92 -18.16 -26.73
C LYS J 77 -6.33 -17.60 -26.87
N GLN J 78 -7.32 -18.44 -26.53
CA GLN J 78 -8.73 -18.11 -26.62
C GLN J 78 -9.38 -18.66 -25.35
N GLY J 79 -9.88 -17.76 -24.51
CA GLY J 79 -10.42 -18.19 -23.24
C GLY J 79 -9.35 -18.89 -22.43
N SER J 80 -9.59 -20.15 -22.09
CA SER J 80 -8.62 -20.98 -21.38
C SER J 80 -8.04 -22.07 -22.26
N SER J 81 -7.92 -21.80 -23.56
CA SER J 81 -7.49 -22.82 -24.51
C SER J 81 -6.46 -22.25 -25.47
N PHE J 82 -5.38 -22.99 -25.68
CA PHE J 82 -4.39 -22.61 -26.68
C PHE J 82 -4.78 -23.22 -28.02
N ARG J 83 -4.47 -22.48 -29.09
CA ARG J 83 -4.95 -22.82 -30.41
C ARG J 83 -3.82 -22.71 -31.42
N LEU J 84 -3.72 -23.71 -32.29
CA LEU J 84 -2.76 -23.70 -33.39
C LEU J 84 -3.57 -23.76 -34.69
N VAL J 85 -3.42 -22.73 -35.52
CA VAL J 85 -4.17 -22.64 -36.77
C VAL J 85 -3.21 -22.79 -37.93
N VAL J 86 -3.63 -23.55 -38.94
CA VAL J 86 -2.89 -23.76 -40.18
C VAL J 86 -3.61 -23.01 -41.30
N LYS J 87 -2.93 -21.99 -41.84
CA LYS J 87 -3.44 -21.29 -43.02
C LYS J 87 -3.55 -22.24 -44.20
N ASN J 88 -2.48 -23.00 -44.47
CA ASN J 88 -2.39 -23.91 -45.60
C ASN J 88 -2.03 -25.30 -45.10
N PHE J 89 -3.01 -26.20 -45.07
CA PHE J 89 -2.74 -27.58 -44.71
C PHE J 89 -2.08 -28.31 -45.87
N ARG J 90 -0.88 -28.84 -45.63
CA ARG J 90 -0.10 -29.54 -46.65
C ARG J 90 0.01 -31.02 -46.33
N ALA J 91 0.75 -31.71 -47.21
CA ALA J 91 1.04 -33.13 -46.99
C ALA J 91 2.09 -33.32 -45.91
N GLN J 92 3.03 -32.38 -45.78
CA GLN J 92 4.07 -32.47 -44.76
C GLN J 92 3.59 -32.04 -43.38
N ASP J 93 2.40 -31.45 -43.27
CA ASP J 93 1.83 -31.12 -41.98
C ASP J 93 0.92 -32.21 -41.45
N GLN J 94 0.84 -33.34 -42.15
CA GLN J 94 0.07 -34.47 -41.67
C GLN J 94 0.83 -35.14 -40.52
N GLY J 95 0.10 -35.53 -39.49
CA GLY J 95 0.74 -36.15 -38.33
C GLY J 95 -0.15 -36.06 -37.11
N THR J 96 0.39 -36.55 -36.01
CA THR J 96 -0.30 -36.57 -34.73
C THR J 96 0.18 -35.37 -33.91
N TYR J 97 -0.75 -34.51 -33.52
CA TYR J 97 -0.44 -33.27 -32.84
C TYR J 97 -0.64 -33.43 -31.34
N PHE J 98 0.36 -33.03 -30.56
CA PHE J 98 0.30 -33.12 -29.11
C PHE J 98 0.52 -31.74 -28.50
N CYS J 99 -0.15 -31.53 -27.37
CA CYS J 99 0.08 -30.38 -26.50
C CYS J 99 0.89 -30.86 -25.30
N ILE J 100 1.92 -30.10 -24.95
CA ILE J 100 2.79 -30.44 -23.83
C ILE J 100 2.80 -29.25 -22.89
N ALA J 101 2.44 -29.48 -21.63
CA ALA J 101 2.54 -28.46 -20.60
C ALA J 101 3.59 -28.90 -19.59
N ASN J 102 4.63 -28.09 -19.44
CA ASN J 102 5.72 -28.41 -18.48
C ASN J 102 5.72 -27.38 -17.36
N ILE J 103 5.20 -27.74 -16.21
CA ILE J 103 5.09 -26.80 -15.05
C ILE J 103 5.94 -27.32 -13.90
N ASN J 104 7.03 -26.61 -13.57
CA ASN J 104 7.94 -26.97 -12.46
C ASN J 104 8.43 -28.40 -12.57
N GLN J 105 9.28 -28.70 -13.55
CA GLN J 105 9.92 -30.04 -13.76
C GLN J 105 8.91 -31.18 -13.88
N MET J 106 7.73 -30.94 -14.42
CA MET J 106 6.76 -32.03 -14.57
C MET J 106 6.14 -31.81 -15.93
N LEU J 107 6.27 -32.80 -16.79
CA LEU J 107 5.80 -32.71 -18.18
C LEU J 107 4.45 -33.39 -18.27
N TYR J 108 3.49 -32.74 -18.92
CA TYR J 108 2.16 -33.29 -19.14
C TYR J 108 1.83 -33.23 -20.62
N PHE J 109 1.39 -34.36 -21.18
CA PHE J 109 1.12 -34.49 -22.60
C PHE J 109 -0.38 -34.63 -22.83
N SER J 110 -0.89 -33.89 -23.81
CA SER J 110 -2.27 -34.08 -24.25
C SER J 110 -2.38 -35.30 -25.16
N SER J 111 -3.61 -35.79 -25.28
CA SER J 111 -3.88 -36.86 -26.23
C SER J 111 -3.71 -36.34 -27.66
N GLY J 112 -3.01 -37.10 -28.49
CA GLY J 112 -2.70 -36.65 -29.82
C GLY J 112 -3.90 -36.60 -30.73
N GLN J 113 -3.86 -35.69 -31.70
CA GLN J 113 -4.88 -35.59 -32.74
C GLN J 113 -4.29 -35.94 -34.08
N PRO J 114 -4.79 -36.97 -34.77
CA PRO J 114 -4.25 -37.32 -36.10
C PRO J 114 -4.85 -36.45 -37.19
N ALA J 115 -3.98 -35.78 -37.95
CA ALA J 115 -4.37 -35.01 -39.13
C ALA J 115 -3.74 -35.71 -40.34
N PHE J 116 -4.54 -36.51 -41.03
CA PHE J 116 -4.10 -37.26 -42.19
C PHE J 116 -5.19 -37.26 -43.25
N PHE J 117 -4.77 -37.35 -44.50
CA PHE J 117 -5.64 -37.25 -45.67
C PHE J 117 -6.50 -35.99 -45.59
#